data_4YJG
#
_entry.id   4YJG
#
_cell.length_a   68.590
_cell.length_b   92.114
_cell.length_c   110.274
_cell.angle_alpha   90.00
_cell.angle_beta   90.00
_cell.angle_gamma   90.00
#
_symmetry.space_group_name_H-M   'P 21 21 21'
#
loop_
_entity.id
_entity.type
_entity.pdbx_description
1 polymer 'D-amino-acid oxidase'
2 polymer 'D-amino-acid oxidase'
3 non-polymer (2R)-4-phenylbutan-2-amine
4 non-polymer 'FLAVIN-ADENINE DINUCLEOTIDE'
5 non-polymer 'SULFATE ION'
6 water water
#
loop_
_entity_poly.entity_id
_entity_poly.type
_entity_poly.pdbx_seq_one_letter_code
_entity_poly.pdbx_strand_id
1 'polypeptide(L)'
;MRVVVIGAGVIGLSTALCIHERYHSVLQPLDVKVYADRFTPFTTTDVAAGLWQPYTSEPSNPQEANWNQQTFNYLLSHIG
SPNAANMGLTPVSGYNLFREAVPDPYWKDMVLGFRKLTPRELDMFPDYRYGWFNTSLILEGRKYLQWLTERLTERGVKFF
LRKVESFEEVARGGADVIINCTGVWAGVLQPDPLLQPGRGQIIKVDAPWLKNFIITHDLERGIYNSPLIIPGLQAVTLGG
TFQVGNWNEINNIQDHNTIWEGCCRLEPTLKDAKIVGEYTGFGPVRPQVRLEREQLRFGSSNTEVIHNYGHGGYGLTIHW
GCALEVAKLFGKVLEERNLLT
;
A
2 'polypeptide(L)'
;MRVVVIGAGVIGLSTALCIHERYHSVLQPLDVKVYADRFTPFTTTDVAAGLWQPYTSEPSNPQEANWNQQTFNYLLSHIG
SPNAANMGLTPVSGYNLFREAVPDPYWKDMVLGFRKLTPRELDMFPDYRYGWFNTSLILEGRKYLQWLTERLTERGVKFF
LRKVESFEEVARGGADVIINCTGVWAGVLQPDPLLQPGRGQIIKVDAPWLKNFIITHDLERGIYNSPLIIPGLQAVTLGG
TFQVGNWNEINNIQDHNTIWEGCCRLEPTLKDAKIVGEYTGFGPVRPQVRLEREQLRFGSSNTEVIHNYGHGGYGLTIHW
GCALEVAKLFGKVLEERNLL
;
B
#
# COMPACT_ATOMS: atom_id res chain seq x y z
N MET A 1 35.01 2.01 -30.84
CA MET A 1 33.72 2.70 -30.47
C MET A 1 33.75 3.26 -29.03
N ARG A 2 34.10 4.52 -28.91
CA ARG A 2 34.10 5.17 -27.62
C ARG A 2 32.81 6.00 -27.54
N VAL A 3 31.98 5.64 -26.58
CA VAL A 3 30.73 6.33 -26.34
C VAL A 3 30.79 7.04 -24.97
N VAL A 4 30.51 8.35 -24.98
CA VAL A 4 30.34 9.10 -23.75
C VAL A 4 28.87 9.43 -23.59
N VAL A 5 28.28 8.94 -22.50
CA VAL A 5 26.95 9.39 -22.08
C VAL A 5 27.14 10.54 -21.10
N ILE A 6 26.55 11.69 -21.41
CA ILE A 6 26.54 12.82 -20.45
C ILE A 6 25.22 12.85 -19.66
N GLY A 7 25.30 12.57 -18.36
CA GLY A 7 24.14 12.55 -17.48
C GLY A 7 24.00 11.26 -16.68
N ALA A 8 23.85 11.37 -15.36
CA ALA A 8 23.67 10.19 -14.53
C ALA A 8 22.32 10.18 -13.79
N GLY A 9 21.32 10.78 -14.41
CA GLY A 9 19.92 10.67 -13.97
C GLY A 9 19.28 9.46 -14.65
N VAL A 10 17.98 9.25 -14.43
CA VAL A 10 17.37 8.06 -14.96
C VAL A 10 17.65 7.91 -16.46
N ILE A 11 17.57 9.01 -17.20
CA ILE A 11 17.71 8.94 -18.67
C ILE A 11 19.13 8.49 -19.04
N GLY A 12 20.13 9.07 -18.37
CA GLY A 12 21.53 8.77 -18.65
C GLY A 12 21.89 7.32 -18.41
N LEU A 13 21.61 6.82 -17.21
CA LEU A 13 22.04 5.48 -16.81
C LEU A 13 21.23 4.40 -17.57
N SER A 14 19.93 4.61 -17.71
CA SER A 14 19.05 3.81 -18.57
C SER A 14 19.64 3.54 -19.92
N THR A 15 19.95 4.63 -20.60
CA THR A 15 20.41 4.59 -21.97
C THR A 15 21.77 3.91 -22.00
N ALA A 16 22.63 4.22 -21.04
CA ALA A 16 23.95 3.61 -20.99
C ALA A 16 23.85 2.08 -20.87
N LEU A 17 23.08 1.62 -19.90
CA LEU A 17 22.86 0.20 -19.72
C LEU A 17 22.28 -0.43 -20.95
N CYS A 18 21.35 0.27 -21.59
CA CYS A 18 20.63 -0.29 -22.71
C CYS A 18 21.56 -0.45 -23.93
N ILE A 19 22.39 0.56 -24.22
CA ILE A 19 23.34 0.45 -25.31
C ILE A 19 24.26 -0.72 -25.01
N HIS A 20 24.79 -0.74 -23.80
CA HIS A 20 25.77 -1.74 -23.45
C HIS A 20 25.23 -3.14 -23.59
N GLU A 21 24.00 -3.37 -23.12
CA GLU A 21 23.42 -4.72 -23.17
C GLU A 21 23.18 -5.13 -24.62
N ARG A 22 22.96 -4.18 -25.51
CA ARG A 22 22.56 -4.52 -26.86
C ARG A 22 23.80 -4.84 -27.71
N TYR A 23 24.92 -4.18 -27.43
CA TYR A 23 26.05 -4.16 -28.38
C TYR A 23 27.39 -4.61 -27.81
N HIS A 24 27.48 -4.91 -26.52
CA HIS A 24 28.72 -5.42 -25.96
C HIS A 24 29.14 -6.66 -26.74
N SER A 25 28.20 -7.58 -26.94
CA SER A 25 28.53 -8.88 -27.47
C SER A 25 29.06 -8.79 -28.90
N VAL A 26 28.45 -7.96 -29.75
CA VAL A 26 28.78 -7.95 -31.18
C VAL A 26 29.80 -6.89 -31.55
N LEU A 27 30.24 -6.13 -30.56
CA LEU A 27 31.18 -5.09 -30.85
C LEU A 27 32.21 -4.90 -29.76
N GLN A 28 33.29 -5.66 -29.84
CA GLN A 28 34.56 -5.20 -29.31
C GLN A 28 35.07 -4.19 -30.35
N PRO A 29 35.82 -3.19 -29.90
CA PRO A 29 35.91 -2.82 -28.51
C PRO A 29 34.90 -1.71 -28.26
N LEU A 30 33.90 -1.99 -27.46
CA LEU A 30 32.94 -0.96 -27.09
C LEU A 30 33.35 -0.42 -25.73
N ASP A 31 33.59 0.89 -25.67
CA ASP A 31 34.00 1.56 -24.45
C ASP A 31 32.95 2.61 -24.10
N VAL A 32 32.09 2.30 -23.12
CA VAL A 32 31.04 3.24 -22.69
C VAL A 32 31.41 3.88 -21.36
N LYS A 33 31.45 5.20 -21.34
CA LYS A 33 31.70 5.94 -20.12
C LYS A 33 30.56 6.92 -19.86
N VAL A 34 30.30 7.17 -18.59
CA VAL A 34 29.33 8.17 -18.14
C VAL A 34 30.05 9.34 -17.49
N TYR A 35 29.81 10.54 -18.02
CA TYR A 35 30.27 11.78 -17.40
C TYR A 35 29.04 12.52 -16.80
N ALA A 36 29.18 13.04 -15.58
CA ALA A 36 28.15 13.87 -14.96
C ALA A 36 28.71 14.76 -13.85
N ASP A 37 28.04 15.86 -13.59
CA ASP A 37 28.42 16.73 -12.49
C ASP A 37 27.49 16.59 -11.28
N ARG A 38 26.49 15.72 -11.37
CA ARG A 38 25.59 15.39 -10.24
C ARG A 38 25.23 13.93 -10.33
N PHE A 39 25.36 13.18 -9.23
CA PHE A 39 24.99 11.76 -9.16
C PHE A 39 24.05 11.61 -7.96
N THR A 40 23.34 10.46 -7.87
CA THR A 40 22.39 10.19 -6.78
C THR A 40 23.08 10.43 -5.43
N PRO A 41 22.36 11.06 -4.48
CA PRO A 41 20.98 11.54 -4.58
C PRO A 41 20.77 13.00 -5.02
N PHE A 42 21.69 13.59 -5.77
CA PHE A 42 21.54 15.02 -6.13
C PHE A 42 21.04 15.30 -7.55
N THR A 43 20.32 14.36 -8.15
CA THR A 43 19.75 14.56 -9.45
C THR A 43 18.26 14.76 -9.31
N THR A 44 17.66 15.44 -10.29
CA THR A 44 16.20 15.62 -10.36
C THR A 44 15.46 14.28 -10.14
N THR A 45 16.03 13.23 -10.71
CA THR A 45 15.46 11.89 -10.61
C THR A 45 15.27 11.47 -9.17
N ASP A 46 16.18 11.90 -8.30
CA ASP A 46 16.12 11.52 -6.87
C ASP A 46 14.97 12.14 -6.13
N VAL A 47 14.45 13.20 -6.70
CA VAL A 47 13.43 14.00 -6.10
C VAL A 47 12.04 13.55 -6.60
N ALA A 48 12.00 12.81 -7.71
CA ALA A 48 10.75 12.35 -8.31
C ALA A 48 9.86 11.59 -7.33
N ALA A 49 8.57 11.90 -7.38
CA ALA A 49 7.62 11.24 -6.50
C ALA A 49 7.77 9.73 -6.60
N GLY A 50 8.01 9.19 -7.79
CA GLY A 50 8.31 7.77 -7.95
C GLY A 50 7.17 6.93 -8.50
N LEU A 51 6.24 7.51 -9.24
CA LEU A 51 5.09 6.74 -9.74
C LEU A 51 5.06 6.67 -11.24
N TRP A 52 4.50 5.58 -11.77
CA TRP A 52 4.32 5.46 -13.21
C TRP A 52 2.95 6.02 -13.53
N GLN A 53 2.92 7.11 -14.27
CA GLN A 53 1.68 7.63 -14.77
C GLN A 53 1.99 8.77 -15.72
N PRO A 54 1.59 8.66 -17.00
CA PRO A 54 1.81 9.79 -17.88
C PRO A 54 0.88 10.95 -17.61
N TYR A 55 1.01 12.01 -18.40
CA TYR A 55 0.06 13.11 -18.29
C TYR A 55 -1.34 12.60 -18.65
N THR A 56 -2.35 13.38 -18.28
CA THR A 56 -3.74 13.02 -18.58
C THR A 56 -4.10 13.28 -20.04
N SER A 57 -3.38 14.18 -20.69
CA SER A 57 -3.65 14.50 -22.11
C SER A 57 -2.67 13.73 -22.98
N GLU A 58 -3.02 13.48 -24.22
CA GLU A 58 -2.09 12.75 -25.06
C GLU A 58 -0.97 13.64 -25.58
N PRO A 59 0.21 13.04 -25.79
CA PRO A 59 1.38 13.82 -26.15
C PRO A 59 1.38 14.24 -27.60
N SER A 60 2.02 15.38 -27.87
CA SER A 60 2.14 15.90 -29.25
C SER A 60 2.96 14.96 -30.12
N ASN A 61 3.93 14.27 -29.52
CA ASN A 61 4.59 13.16 -30.19
C ASN A 61 4.03 11.82 -29.73
N PRO A 62 3.19 11.19 -30.58
CA PRO A 62 2.52 9.96 -30.25
C PRO A 62 3.53 8.84 -29.93
N GLN A 63 4.76 8.94 -30.42
CA GLN A 63 5.81 7.93 -30.10
C GLN A 63 5.96 7.80 -28.59
N GLU A 64 5.69 8.89 -27.86
CA GLU A 64 5.85 8.90 -26.41
C GLU A 64 4.88 7.94 -25.72
N ALA A 65 3.77 7.63 -26.41
CA ALA A 65 2.80 6.72 -25.87
C ALA A 65 3.36 5.31 -25.85
N ASN A 66 4.02 4.91 -26.93
CA ASN A 66 4.69 3.61 -26.97
C ASN A 66 5.84 3.51 -25.99
N TRP A 67 6.62 4.58 -25.86
CA TRP A 67 7.76 4.59 -24.96
C TRP A 67 7.28 4.40 -23.52
N ASN A 68 6.15 5.02 -23.17
CA ASN A 68 5.51 4.80 -21.86
C ASN A 68 5.08 3.36 -21.65
N GLN A 69 4.47 2.79 -22.68
CA GLN A 69 4.01 1.41 -22.65
C GLN A 69 5.14 0.38 -22.61
N GLN A 70 6.18 0.60 -23.39
CA GLN A 70 7.35 -0.27 -23.31
C GLN A 70 7.92 -0.21 -21.92
N THR A 71 7.93 0.99 -21.34
CA THR A 71 8.48 1.15 -20.02
C THR A 71 7.61 0.36 -19.04
N PHE A 72 6.29 0.52 -19.11
CA PHE A 72 5.44 -0.18 -18.15
C PHE A 72 5.61 -1.69 -18.24
N ASN A 73 5.62 -2.24 -19.45
CA ASN A 73 5.70 -3.69 -19.63
C ASN A 73 7.05 -4.20 -19.20
N TYR A 74 8.07 -3.45 -19.52
CA TYR A 74 9.40 -3.79 -19.07
C TYR A 74 9.41 -3.90 -17.54
N LEU A 75 8.89 -2.88 -16.87
CA LEU A 75 8.91 -2.83 -15.43
C LEU A 75 8.02 -3.92 -14.87
N LEU A 76 6.82 -4.08 -15.44
CA LEU A 76 5.89 -5.11 -14.97
C LEU A 76 6.53 -6.51 -15.00
N SER A 77 7.31 -6.77 -16.05
CA SER A 77 7.89 -8.10 -16.27
C SER A 77 8.83 -8.51 -15.16
N HIS A 78 9.28 -7.53 -14.37
CA HIS A 78 10.13 -7.77 -13.18
C HIS A 78 9.35 -8.09 -11.91
N ILE A 79 8.04 -7.89 -11.91
CA ILE A 79 7.25 -8.22 -10.71
C ILE A 79 7.06 -9.73 -10.59
N GLY A 80 7.58 -10.28 -9.49
CA GLY A 80 7.67 -11.72 -9.34
C GLY A 80 9.13 -12.11 -9.14
N SER A 81 10.00 -11.22 -9.58
CA SER A 81 11.43 -11.37 -9.39
C SER A 81 11.90 -11.03 -7.98
N PRO A 82 12.90 -11.78 -7.48
CA PRO A 82 13.39 -11.52 -6.14
C PRO A 82 13.93 -10.12 -5.93
N ASN A 83 14.37 -9.47 -7.01
CA ASN A 83 15.04 -8.16 -6.89
C ASN A 83 14.25 -6.90 -7.26
N ALA A 84 12.94 -7.05 -7.44
CA ALA A 84 12.09 -5.93 -7.82
C ALA A 84 12.21 -4.77 -6.83
N ALA A 85 12.13 -5.04 -5.54
CA ALA A 85 12.24 -3.96 -4.56
C ALA A 85 13.64 -3.31 -4.49
N ASN A 86 14.69 -4.10 -4.65
CA ASN A 86 16.04 -3.53 -4.68
C ASN A 86 16.28 -2.60 -5.90
N MET A 87 15.50 -2.79 -6.96
CA MET A 87 15.53 -1.88 -8.11
C MET A 87 14.74 -0.57 -7.89
N GLY A 88 13.96 -0.48 -6.82
CA GLY A 88 13.03 0.65 -6.59
C GLY A 88 11.59 0.41 -7.03
N LEU A 89 11.27 -0.85 -7.26
CA LEU A 89 10.03 -1.21 -7.94
C LEU A 89 9.10 -2.00 -7.05
N THR A 90 7.86 -1.56 -6.94
CA THR A 90 6.82 -2.36 -6.31
C THR A 90 5.47 -1.89 -6.83
N PRO A 91 4.47 -2.79 -6.87
CA PRO A 91 3.14 -2.39 -7.33
C PRO A 91 2.43 -1.57 -6.27
N VAL A 92 1.60 -0.63 -6.72
CA VAL A 92 0.70 0.18 -5.87
C VAL A 92 -0.60 0.42 -6.60
N SER A 93 -1.66 0.57 -5.83
CA SER A 93 -2.95 0.98 -6.33
C SER A 93 -3.30 2.38 -5.87
N GLY A 94 -4.18 3.07 -6.59
CA GLY A 94 -4.59 4.39 -6.16
C GLY A 94 -5.62 5.10 -7.01
N TYR A 95 -5.77 6.38 -6.73
CA TYR A 95 -6.92 7.12 -7.14
C TYR A 95 -6.51 8.39 -7.89
N ASN A 96 -7.25 8.69 -8.96
CA ASN A 96 -7.13 9.98 -9.64
C ASN A 96 -8.46 10.73 -9.50
N LEU A 97 -8.42 11.93 -8.90
CA LEU A 97 -9.65 12.63 -8.53
C LEU A 97 -9.89 13.93 -9.31
N PHE A 98 -11.14 14.13 -9.71
CA PHE A 98 -11.55 15.26 -10.56
C PHE A 98 -12.84 15.91 -10.03
N ARG A 99 -12.98 17.21 -10.19
CA ARG A 99 -14.19 17.90 -9.74
C ARG A 99 -15.31 17.77 -10.78
N GLU A 100 -14.99 17.28 -11.97
CA GLU A 100 -15.98 17.02 -13.02
C GLU A 100 -15.57 15.87 -13.94
N ALA A 101 -16.55 15.31 -14.62
CA ALA A 101 -16.32 14.24 -15.56
C ALA A 101 -15.25 14.64 -16.58
N VAL A 102 -14.41 13.65 -16.94
CA VAL A 102 -13.32 13.83 -17.91
C VAL A 102 -13.18 12.58 -18.82
N PRO A 103 -12.65 12.75 -20.03
CA PRO A 103 -12.51 11.56 -20.84
C PRO A 103 -11.46 10.62 -20.26
N ASP A 104 -11.56 9.34 -20.58
CA ASP A 104 -10.57 8.33 -20.16
C ASP A 104 -9.18 8.70 -20.72
N PRO A 105 -8.11 8.37 -19.98
CA PRO A 105 -6.77 8.67 -20.46
C PRO A 105 -6.32 7.65 -21.48
N TYR A 106 -5.40 8.06 -22.35
CA TYR A 106 -4.92 7.14 -23.40
C TYR A 106 -4.21 5.95 -22.80
N TRP A 107 -3.74 6.08 -21.56
CA TRP A 107 -3.00 5.02 -20.89
C TRP A 107 -3.87 4.07 -20.06
N LYS A 108 -5.19 4.21 -20.13
CA LYS A 108 -6.11 3.37 -19.32
C LYS A 108 -5.91 1.86 -19.46
N ASP A 109 -5.43 1.40 -20.62
CA ASP A 109 -5.23 -0.03 -20.84
C ASP A 109 -3.79 -0.48 -20.59
N MET A 110 -2.90 0.49 -20.42
CA MET A 110 -1.53 0.19 -20.02
C MET A 110 -1.43 -0.16 -18.53
N VAL A 111 -2.17 0.55 -17.70
CA VAL A 111 -2.19 0.21 -16.28
C VAL A 111 -2.99 -1.07 -16.04
N LEU A 112 -3.24 -1.38 -14.77
CA LEU A 112 -3.96 -2.59 -14.39
C LEU A 112 -5.28 -2.21 -13.70
N GLY A 113 -6.35 -2.86 -14.14
CA GLY A 113 -7.61 -2.74 -13.48
C GLY A 113 -8.16 -1.33 -13.46
N PHE A 114 -7.97 -0.60 -14.55
CA PHE A 114 -8.56 0.73 -14.65
C PHE A 114 -10.11 0.67 -14.65
N ARG A 115 -10.72 1.46 -13.79
CA ARG A 115 -12.17 1.66 -13.85
C ARG A 115 -12.50 3.02 -13.26
N LYS A 116 -13.74 3.46 -13.44
CA LYS A 116 -14.21 4.68 -12.78
C LYS A 116 -14.54 4.41 -11.33
N LEU A 117 -14.60 5.49 -10.54
CA LEU A 117 -14.92 5.39 -9.12
C LEU A 117 -16.43 5.36 -8.86
N THR A 118 -16.85 4.48 -7.95
CA THR A 118 -18.22 4.36 -7.51
C THR A 118 -18.52 5.40 -6.41
N PRO A 119 -19.81 5.78 -6.24
CA PRO A 119 -20.20 6.81 -5.26
C PRO A 119 -19.62 6.61 -3.86
N ARG A 120 -19.45 5.35 -3.47
CA ARG A 120 -18.97 4.96 -2.15
C ARG A 120 -17.49 5.26 -1.97
N GLU A 121 -16.72 4.98 -3.03
CA GLU A 121 -15.31 5.38 -3.11
C GLU A 121 -15.17 6.90 -3.07
N LEU A 122 -16.07 7.59 -3.78
CA LEU A 122 -16.09 9.06 -3.77
C LEU A 122 -16.35 9.64 -2.40
N ASP A 123 -17.01 8.90 -1.50
CA ASP A 123 -17.23 9.41 -0.13
C ASP A 123 -15.97 9.49 0.72
N MET A 124 -14.89 8.80 0.32
CA MET A 124 -13.62 8.91 1.04
C MET A 124 -12.99 10.29 0.80
N PHE A 125 -13.30 10.89 -0.36
CA PHE A 125 -12.69 12.16 -0.80
C PHE A 125 -13.75 13.21 -1.16
N PRO A 126 -14.33 13.85 -0.15
CA PRO A 126 -15.37 14.89 -0.22
C PRO A 126 -15.29 15.93 -1.35
N ASP A 127 -14.13 16.54 -1.58
CA ASP A 127 -14.06 17.65 -2.52
C ASP A 127 -14.28 17.23 -3.99
N TYR A 128 -14.44 15.94 -4.24
CA TYR A 128 -14.29 15.44 -5.60
C TYR A 128 -15.48 14.57 -5.94
N ARG A 129 -15.87 14.54 -7.22
CA ARG A 129 -17.05 13.79 -7.60
C ARG A 129 -16.88 12.95 -8.87
N TYR A 130 -15.67 12.86 -9.40
CA TYR A 130 -15.41 11.93 -10.47
C TYR A 130 -13.95 11.48 -10.40
N GLY A 131 -13.69 10.23 -10.74
CA GLY A 131 -12.32 9.76 -10.78
C GLY A 131 -12.09 8.34 -11.25
N TRP A 132 -10.81 7.91 -11.20
CA TRP A 132 -10.37 6.58 -11.63
C TRP A 132 -9.77 5.77 -10.49
N PHE A 133 -9.86 4.46 -10.58
CA PHE A 133 -9.01 3.59 -9.75
C PHE A 133 -8.12 2.83 -10.68
N ASN A 134 -6.89 2.57 -10.27
CA ASN A 134 -6.06 1.61 -11.02
C ASN A 134 -4.85 1.12 -10.24
N THR A 135 -4.24 0.07 -10.77
CA THR A 135 -3.01 -0.39 -10.18
C THR A 135 -1.89 0.02 -11.11
N SER A 136 -0.79 0.48 -10.54
CA SER A 136 0.40 0.87 -11.31
C SER A 136 1.64 0.45 -10.52
N LEU A 137 2.79 1.05 -10.84
CA LEU A 137 4.03 0.69 -10.18
C LEU A 137 4.76 1.89 -9.61
N ILE A 138 5.32 1.72 -8.43
CA ILE A 138 6.29 2.66 -7.88
C ILE A 138 7.62 2.35 -8.56
N LEU A 139 8.36 3.39 -8.98
CA LEU A 139 9.77 3.22 -9.38
C LEU A 139 10.57 4.31 -8.68
N GLU A 140 11.12 4.03 -7.52
CA GLU A 140 11.83 5.04 -6.75
C GLU A 140 13.12 5.46 -7.42
N GLY A 141 13.19 6.74 -7.76
CA GLY A 141 14.33 7.31 -8.50
C GLY A 141 15.64 6.97 -7.84
N ARG A 142 15.71 7.30 -6.56
CA ARG A 142 16.89 7.15 -5.74
C ARG A 142 17.37 5.70 -5.76
N LYS A 143 16.48 4.76 -5.50
CA LYS A 143 16.85 3.33 -5.56
C LYS A 143 17.18 2.81 -6.94
N TYR A 144 16.46 3.28 -7.95
CA TYR A 144 16.65 2.80 -9.31
C TYR A 144 17.97 3.36 -9.84
N LEU A 145 18.30 4.58 -9.45
CA LEU A 145 19.62 5.12 -9.79
C LEU A 145 20.73 4.22 -9.20
N GLN A 146 20.66 3.88 -7.92
CA GLN A 146 21.64 2.96 -7.30
C GLN A 146 21.71 1.57 -7.97
N TRP A 147 20.56 0.95 -8.25
CA TRP A 147 20.52 -0.34 -8.95
C TRP A 147 21.27 -0.22 -10.28
N LEU A 148 20.86 0.73 -11.09
CA LEU A 148 21.46 0.92 -12.40
C LEU A 148 22.95 1.16 -12.32
N THR A 149 23.39 1.96 -11.35
CA THR A 149 24.83 2.19 -11.23
C THR A 149 25.64 0.94 -10.84
N GLU A 150 25.09 0.06 -10.01
CA GLU A 150 25.72 -1.25 -9.74
C GLU A 150 25.77 -2.15 -10.97
N ARG A 151 24.67 -2.18 -11.73
CA ARG A 151 24.61 -2.97 -12.96
C ARG A 151 25.64 -2.49 -13.99
N LEU A 152 25.71 -1.18 -14.18
CA LEU A 152 26.64 -0.57 -15.11
C LEU A 152 28.08 -0.90 -14.66
N THR A 153 28.35 -0.66 -13.38
CA THR A 153 29.67 -0.89 -12.82
C THR A 153 30.21 -2.28 -13.08
N GLU A 154 29.41 -3.30 -12.82
CA GLU A 154 29.84 -4.66 -13.02
C GLU A 154 29.91 -5.09 -14.48
N ARG A 155 29.37 -4.26 -15.37
CA ARG A 155 29.53 -4.49 -16.82
C ARG A 155 30.79 -3.82 -17.35
N GLY A 156 31.53 -3.17 -16.47
CA GLY A 156 32.74 -2.48 -16.86
C GLY A 156 32.56 -1.04 -17.30
N VAL A 157 31.35 -0.49 -17.13
CA VAL A 157 31.09 0.92 -17.52
C VAL A 157 31.56 1.85 -16.43
N LYS A 158 32.37 2.84 -16.79
CA LYS A 158 33.06 3.68 -15.84
C LYS A 158 32.47 5.08 -15.72
N PHE A 159 32.44 5.56 -14.49
CA PHE A 159 31.79 6.80 -14.13
C PHE A 159 32.81 7.87 -13.78
N PHE A 160 32.62 9.09 -14.28
CA PHE A 160 33.55 10.19 -14.07
C PHE A 160 32.81 11.46 -13.62
N LEU A 161 33.35 12.14 -12.60
CA LEU A 161 32.86 13.45 -12.17
C LEU A 161 33.42 14.44 -13.18
N ARG A 162 32.54 15.15 -13.86
CA ARG A 162 32.97 16.04 -14.91
C ARG A 162 31.84 16.94 -15.29
N LYS A 163 32.07 18.24 -15.21
CA LYS A 163 31.12 19.23 -15.70
C LYS A 163 31.49 19.60 -17.12
N VAL A 164 30.79 19.01 -18.09
CA VAL A 164 31.11 19.18 -19.51
C VAL A 164 30.73 20.58 -19.93
N GLU A 165 31.59 21.21 -20.74
CA GLU A 165 31.37 22.60 -21.14
C GLU A 165 31.01 22.75 -22.59
N SER A 166 31.35 21.75 -23.41
CA SER A 166 30.85 21.70 -24.77
C SER A 166 30.92 20.28 -25.32
N PHE A 167 30.21 20.05 -26.43
CA PHE A 167 30.30 18.79 -27.12
C PHE A 167 31.69 18.67 -27.75
N GLU A 168 32.24 19.81 -28.15
CA GLU A 168 33.57 19.87 -28.78
C GLU A 168 34.65 19.23 -27.90
N GLU A 169 34.74 19.71 -26.68
CA GLU A 169 35.67 19.23 -25.67
C GLU A 169 35.68 17.69 -25.52
N VAL A 170 34.50 17.11 -25.57
CA VAL A 170 34.34 15.68 -25.36
C VAL A 170 34.69 14.94 -26.64
N ALA A 171 34.34 15.52 -27.77
CA ALA A 171 34.73 14.98 -29.07
C ALA A 171 36.24 15.09 -29.27
N ARG A 172 36.84 16.17 -28.76
CA ARG A 172 38.29 16.36 -28.85
C ARG A 172 39.02 15.33 -27.98
N GLY A 173 38.43 14.94 -26.86
CA GLY A 173 39.03 13.98 -25.95
C GLY A 173 38.89 12.53 -26.40
N GLY A 174 38.28 12.31 -27.57
CA GLY A 174 38.28 10.98 -28.18
C GLY A 174 36.94 10.30 -28.39
N ALA A 175 35.82 10.94 -28.03
CA ALA A 175 34.51 10.29 -28.17
C ALA A 175 34.06 10.21 -29.62
N ASP A 176 33.64 9.02 -30.03
CA ASP A 176 33.07 8.81 -31.37
C ASP A 176 31.58 9.15 -31.34
N VAL A 177 30.92 8.77 -30.25
CA VAL A 177 29.51 9.06 -30.07
C VAL A 177 29.27 9.67 -28.71
N ILE A 178 28.42 10.71 -28.69
CA ILE A 178 27.99 11.37 -27.45
C ILE A 178 26.48 11.18 -27.29
N ILE A 179 26.06 10.64 -26.15
CA ILE A 179 24.64 10.56 -25.83
C ILE A 179 24.37 11.66 -24.82
N ASN A 180 23.51 12.59 -25.21
CA ASN A 180 23.25 13.79 -24.42
C ASN A 180 21.99 13.61 -23.59
N CYS A 181 22.19 13.27 -22.31
CA CYS A 181 21.12 13.07 -21.35
C CYS A 181 21.26 14.06 -20.18
N THR A 182 21.34 15.35 -20.55
CA THR A 182 21.66 16.40 -19.61
C THR A 182 20.43 17.05 -18.97
N GLY A 183 19.26 16.47 -19.21
CA GLY A 183 18.01 16.96 -18.59
C GLY A 183 17.74 18.41 -18.89
N VAL A 184 17.42 19.18 -17.85
CA VAL A 184 16.92 20.55 -18.05
C VAL A 184 18.05 21.52 -18.41
N TRP A 185 19.29 21.07 -18.27
CA TRP A 185 20.44 21.94 -18.50
C TRP A 185 21.08 21.77 -19.89
N ALA A 186 20.44 20.98 -20.74
CA ALA A 186 20.93 20.69 -22.10
C ALA A 186 21.26 21.95 -22.88
N GLY A 187 20.49 23.02 -22.62
CA GLY A 187 20.58 24.28 -23.33
C GLY A 187 21.93 24.95 -23.15
N VAL A 188 22.59 24.62 -22.04
CA VAL A 188 23.95 25.04 -21.85
C VAL A 188 24.89 24.56 -22.96
N LEU A 189 24.70 23.35 -23.49
CA LEU A 189 25.64 22.77 -24.45
C LEU A 189 25.23 23.02 -25.88
N GLN A 190 23.95 23.31 -26.06
CA GLN A 190 23.40 23.70 -27.36
C GLN A 190 22.06 24.39 -27.07
N PRO A 191 21.95 25.69 -27.39
CA PRO A 191 20.72 26.37 -27.07
C PRO A 191 19.51 25.65 -27.63
N ASP A 192 18.46 25.61 -26.81
CA ASP A 192 17.18 25.00 -27.19
C ASP A 192 16.10 25.73 -26.41
N PRO A 193 15.52 26.75 -27.00
CA PRO A 193 14.55 27.55 -26.25
C PRO A 193 13.20 26.86 -26.00
N LEU A 194 12.96 25.67 -26.55
CA LEU A 194 11.74 24.94 -26.21
C LEU A 194 11.81 24.26 -24.87
N LEU A 195 13.00 24.26 -24.28
CA LEU A 195 13.24 23.57 -23.03
C LEU A 195 13.16 24.53 -21.85
N GLN A 196 12.25 24.25 -20.93
CA GLN A 196 12.04 25.13 -19.80
C GLN A 196 12.05 24.32 -18.52
N PRO A 197 12.39 24.96 -17.41
CA PRO A 197 12.33 24.22 -16.17
C PRO A 197 10.93 24.15 -15.59
N GLY A 198 10.56 22.97 -15.11
CA GLY A 198 9.27 22.78 -14.43
C GLY A 198 9.53 22.62 -12.96
N ARG A 199 9.49 23.73 -12.24
CA ARG A 199 9.82 23.72 -10.81
C ARG A 199 8.75 22.95 -10.06
N GLY A 200 9.20 21.92 -9.35
CA GLY A 200 8.34 21.15 -8.51
C GLY A 200 8.88 21.09 -7.10
N GLN A 201 8.01 21.35 -6.13
CA GLN A 201 8.39 21.25 -4.73
C GLN A 201 7.63 20.09 -4.09
N ILE A 202 8.29 19.39 -3.17
CA ILE A 202 7.65 18.30 -2.45
C ILE A 202 8.03 18.29 -0.96
N ILE A 203 7.15 17.69 -0.16
CA ILE A 203 7.43 17.42 1.24
C ILE A 203 7.46 15.89 1.39
N LYS A 204 8.55 15.35 1.92
CA LYS A 204 8.60 13.92 2.22
C LYS A 204 8.14 13.78 3.65
N VAL A 205 7.48 12.67 3.93
CA VAL A 205 6.80 12.52 5.19
C VAL A 205 6.79 11.05 5.58
N ASP A 206 6.95 10.81 6.87
CA ASP A 206 6.81 9.49 7.46
C ASP A 206 5.36 9.20 7.79
N ALA A 207 4.71 8.39 6.96
CA ALA A 207 3.29 8.05 7.18
C ALA A 207 3.05 6.66 6.57
N PRO A 208 3.60 5.64 7.21
CA PRO A 208 3.61 4.33 6.58
C PRO A 208 2.25 3.66 6.49
N TRP A 209 1.23 4.22 7.13
CA TRP A 209 -0.13 3.68 7.02
C TRP A 209 -0.76 3.87 5.62
N LEU A 210 -0.28 4.86 4.88
CA LEU A 210 -0.86 5.17 3.58
C LEU A 210 -0.34 4.20 2.49
N LYS A 211 -1.22 3.33 2.00
CA LYS A 211 -0.80 2.34 1.01
C LYS A 211 -1.11 2.69 -0.45
N ASN A 212 -1.89 3.74 -0.67
CA ASN A 212 -2.40 4.09 -2.01
C ASN A 212 -1.99 5.48 -2.47
N PHE A 213 -1.72 5.63 -3.77
CA PHE A 213 -1.47 6.95 -4.30
C PHE A 213 -2.79 7.71 -4.47
N ILE A 214 -2.74 9.02 -4.25
CA ILE A 214 -3.91 9.84 -4.33
C ILE A 214 -3.55 11.11 -5.07
N ILE A 215 -4.06 11.25 -6.29
CA ILE A 215 -3.70 12.37 -7.13
C ILE A 215 -4.94 13.19 -7.51
N THR A 216 -4.96 14.46 -7.11
CA THR A 216 -6.05 15.34 -7.51
C THR A 216 -5.65 16.20 -8.70
N HIS A 217 -6.66 16.60 -9.45
CA HIS A 217 -6.45 17.39 -10.65
C HIS A 217 -7.31 18.62 -10.63
N ASP A 218 -6.79 19.68 -11.22
CA ASP A 218 -7.49 20.94 -11.31
C ASP A 218 -7.34 21.39 -12.75
N LEU A 219 -8.35 21.06 -13.56
CA LEU A 219 -8.25 21.17 -15.01
C LEU A 219 -7.78 22.53 -15.48
N GLU A 220 -7.96 23.54 -14.64
CA GLU A 220 -7.62 24.91 -15.00
C GLU A 220 -6.23 25.36 -14.56
N ARG A 221 -5.72 24.85 -13.45
CA ARG A 221 -4.42 25.32 -12.98
C ARG A 221 -3.28 24.55 -13.65
N GLY A 222 -3.58 23.61 -14.54
CA GLY A 222 -2.50 22.84 -15.22
C GLY A 222 -1.96 21.69 -14.38
N ILE A 223 -1.18 20.79 -14.98
CA ILE A 223 -0.93 19.50 -14.31
C ILE A 223 0.05 19.55 -13.11
N TYR A 224 -0.30 18.75 -12.08
CA TYR A 224 0.42 18.66 -10.81
C TYR A 224 0.43 19.95 -9.96
N ASN A 225 -0.46 20.87 -10.33
CA ASN A 225 -0.76 22.06 -9.53
C ASN A 225 -2.05 21.84 -8.73
N SER A 226 -2.06 20.74 -8.00
CA SER A 226 -3.23 20.25 -7.27
C SER A 226 -2.61 19.20 -6.35
N PRO A 227 -3.15 19.04 -5.13
CA PRO A 227 -2.46 18.16 -4.15
C PRO A 227 -2.31 16.73 -4.66
N LEU A 228 -1.16 16.12 -4.35
CA LEU A 228 -0.90 14.72 -4.74
C LEU A 228 -0.15 14.00 -3.62
N ILE A 229 -0.48 12.72 -3.44
CA ILE A 229 0.11 11.92 -2.38
C ILE A 229 0.53 10.58 -2.94
N ILE A 230 1.82 10.30 -2.82
CA ILE A 230 2.41 9.09 -3.40
C ILE A 230 3.32 8.41 -2.39
N PRO A 231 2.85 7.27 -1.86
CA PRO A 231 3.65 6.44 -0.97
C PRO A 231 4.87 5.85 -1.70
N GLY A 232 6.05 6.11 -1.16
CA GLY A 232 7.24 5.53 -1.72
C GLY A 232 7.61 4.27 -0.98
N LEU A 233 8.79 3.75 -1.26
CA LEU A 233 9.25 2.55 -0.62
C LEU A 233 9.38 2.72 0.91
N GLN A 234 9.93 3.84 1.38
CA GLN A 234 10.14 4.04 2.83
C GLN A 234 9.46 5.28 3.43
N ALA A 235 9.03 6.19 2.58
CA ALA A 235 8.49 7.44 3.03
C ALA A 235 7.36 7.75 2.07
N VAL A 236 6.68 8.88 2.26
CA VAL A 236 5.55 9.28 1.44
C VAL A 236 5.82 10.63 0.83
N THR A 237 5.53 10.80 -0.45
CA THR A 237 5.77 12.07 -1.11
C THR A 237 4.48 12.91 -1.23
N LEU A 238 4.55 14.12 -0.74
CA LEU A 238 3.46 15.09 -0.87
C LEU A 238 3.84 16.17 -1.88
N GLY A 239 2.94 16.44 -2.81
CA GLY A 239 3.17 17.48 -3.81
C GLY A 239 1.98 18.38 -4.14
N GLY A 240 2.17 19.26 -5.12
CA GLY A 240 1.12 20.13 -5.59
C GLY A 240 1.53 21.40 -6.32
N THR A 241 2.81 21.58 -6.59
CA THR A 241 3.30 22.69 -7.45
C THR A 241 4.16 22.15 -8.59
N PHE A 242 3.94 22.69 -9.80
CA PHE A 242 4.71 22.34 -10.97
C PHE A 242 4.69 23.53 -11.91
N GLN A 243 5.66 24.41 -11.72
CA GLN A 243 5.59 25.77 -12.19
C GLN A 243 6.61 26.02 -13.32
N VAL A 244 6.15 26.14 -14.56
CA VAL A 244 7.11 26.36 -15.67
C VAL A 244 7.71 27.78 -15.74
N GLY A 245 8.99 27.85 -16.09
CA GLY A 245 9.70 29.10 -16.23
C GLY A 245 10.49 29.56 -15.01
N ASN A 246 10.37 28.84 -13.90
CA ASN A 246 10.96 29.29 -12.62
C ASN A 246 12.20 28.51 -12.18
N TRP A 247 13.31 29.23 -12.01
CA TRP A 247 14.64 28.62 -11.83
C TRP A 247 15.14 28.68 -10.38
N ASN A 248 14.29 29.11 -9.45
CA ASN A 248 14.71 29.21 -8.05
C ASN A 248 14.88 27.85 -7.35
N GLU A 249 16.12 27.52 -6.98
CA GLU A 249 16.45 26.22 -6.38
C GLU A 249 16.00 26.09 -4.91
N ILE A 250 15.75 27.21 -4.23
CA ILE A 250 15.44 27.19 -2.78
C ILE A 250 13.94 26.88 -2.53
N ASN A 251 13.67 26.14 -1.46
CA ASN A 251 12.29 25.87 -1.04
C ASN A 251 11.65 27.19 -0.63
N ASN A 252 10.41 27.47 -1.02
CA ASN A 252 9.72 28.65 -0.48
C ASN A 252 8.56 28.29 0.45
N ILE A 253 8.17 29.26 1.26
CA ILE A 253 7.19 29.04 2.32
C ILE A 253 5.78 28.83 1.76
N GLN A 254 5.39 29.61 0.75
CA GLN A 254 4.00 29.59 0.22
C GLN A 254 3.66 28.34 -0.60
N ASP A 255 4.67 27.72 -1.18
CA ASP A 255 4.46 26.44 -1.85
C ASP A 255 4.44 25.31 -0.81
N HIS A 256 5.32 25.38 0.19
CA HIS A 256 5.24 24.50 1.36
C HIS A 256 3.80 24.45 1.90
N ASN A 257 3.24 25.64 2.14
CA ASN A 257 1.90 25.75 2.71
C ASN A 257 0.85 25.22 1.75
N THR A 258 0.91 25.66 0.50
CA THR A 258 0.01 25.12 -0.53
C THR A 258 -0.04 23.59 -0.46
N ILE A 259 1.15 22.97 -0.34
CA ILE A 259 1.28 21.50 -0.37
C ILE A 259 0.76 20.89 0.93
N TRP A 260 1.31 21.34 2.05
CA TRP A 260 0.95 20.78 3.32
C TRP A 260 -0.55 20.80 3.57
N GLU A 261 -1.18 21.96 3.42
CA GLU A 261 -2.58 22.01 3.81
C GLU A 261 -3.50 21.52 2.72
N GLY A 262 -3.00 21.59 1.48
CA GLY A 262 -3.71 20.95 0.36
C GLY A 262 -3.80 19.46 0.62
N CYS A 263 -2.67 18.88 0.98
CA CYS A 263 -2.61 17.46 1.28
C CYS A 263 -3.28 17.08 2.61
N CYS A 264 -3.17 17.91 3.65
CA CYS A 264 -3.90 17.64 4.92
C CYS A 264 -5.41 17.63 4.65
N ARG A 265 -5.89 18.49 3.76
CA ARG A 265 -7.32 18.48 3.47
C ARG A 265 -7.76 17.18 2.78
N LEU A 266 -6.89 16.64 1.92
CA LEU A 266 -7.14 15.42 1.14
C LEU A 266 -7.04 14.19 2.02
N GLU A 267 -6.00 14.16 2.82
CA GLU A 267 -5.70 13.00 3.64
C GLU A 267 -5.49 13.51 5.07
N PRO A 268 -6.59 13.73 5.80
CA PRO A 268 -6.48 14.34 7.13
C PRO A 268 -5.67 13.56 8.19
N THR A 269 -5.41 12.27 7.98
CA THR A 269 -4.56 11.52 8.92
C THR A 269 -3.14 12.05 8.91
N LEU A 270 -2.83 12.94 7.96
CA LEU A 270 -1.48 13.46 7.76
C LEU A 270 -1.05 14.37 8.92
N LYS A 271 -2.01 14.73 9.76
CA LYS A 271 -1.73 15.50 10.96
C LYS A 271 -0.70 14.80 11.84
N ASP A 272 -0.61 13.48 11.77
CA ASP A 272 0.31 12.78 12.67
C ASP A 272 1.64 12.43 12.03
N ALA A 273 1.84 12.89 10.81
CA ALA A 273 2.97 12.42 10.03
C ALA A 273 4.21 13.27 10.28
N LYS A 274 5.35 12.64 10.52
CA LYS A 274 6.56 13.43 10.74
C LYS A 274 7.20 13.85 9.41
N ILE A 275 7.50 15.15 9.28
CA ILE A 275 8.23 15.67 8.14
C ILE A 275 9.66 15.18 8.20
N VAL A 276 10.16 14.69 7.08
CA VAL A 276 11.48 14.10 6.99
C VAL A 276 12.40 14.92 6.08
N GLY A 277 11.80 15.62 5.12
CA GLY A 277 12.53 16.53 4.24
C GLY A 277 11.61 17.25 3.27
N GLU A 278 12.02 18.41 2.81
CA GLU A 278 11.34 19.05 1.70
C GLU A 278 12.37 19.39 0.63
N TYR A 279 11.99 19.23 -0.63
CA TYR A 279 12.93 19.38 -1.73
C TYR A 279 12.34 20.15 -2.91
N THR A 280 13.23 20.58 -3.81
CA THR A 280 12.85 21.29 -5.02
C THR A 280 13.66 20.73 -6.18
N GLY A 281 13.01 20.46 -7.30
CA GLY A 281 13.68 19.93 -8.49
C GLY A 281 13.09 20.56 -9.74
N PHE A 282 13.82 20.45 -10.86
CA PHE A 282 13.42 21.09 -12.10
C PHE A 282 13.20 20.05 -13.16
N GLY A 283 11.93 19.78 -13.46
CA GLY A 283 11.58 18.90 -14.57
C GLY A 283 11.93 19.54 -15.90
N PRO A 284 12.46 18.73 -16.80
CA PRO A 284 12.86 19.23 -18.11
C PRO A 284 11.68 19.28 -19.02
N VAL A 285 10.96 20.39 -18.97
CA VAL A 285 9.72 20.61 -19.73
C VAL A 285 10.02 21.09 -21.16
N ARG A 286 9.40 20.40 -22.12
CA ARG A 286 9.58 20.62 -23.56
C ARG A 286 8.24 20.18 -24.22
N PRO A 287 7.80 20.88 -25.27
CA PRO A 287 6.59 20.41 -25.93
C PRO A 287 6.65 18.93 -26.35
N GLN A 288 7.84 18.42 -26.62
CA GLN A 288 8.03 16.98 -26.76
C GLN A 288 9.44 16.61 -26.39
N VAL A 289 9.64 15.37 -26.02
CA VAL A 289 10.98 14.85 -25.79
C VAL A 289 11.81 15.04 -27.04
N ARG A 290 13.06 15.47 -26.86
CA ARG A 290 14.02 15.48 -27.93
C ARG A 290 14.81 14.20 -27.93
N LEU A 291 14.67 13.44 -28.98
CA LEU A 291 15.37 12.19 -29.06
C LEU A 291 15.71 12.00 -30.52
N GLU A 292 16.93 12.38 -30.90
CA GLU A 292 17.33 12.40 -32.31
C GLU A 292 18.85 12.43 -32.48
N ARG A 293 19.27 11.92 -33.62
CA ARG A 293 20.65 11.99 -34.07
C ARG A 293 21.02 13.37 -34.58
N GLU A 294 22.29 13.74 -34.37
CA GLU A 294 22.84 14.97 -34.93
C GLU A 294 24.33 14.73 -35.22
N GLN A 295 24.80 15.17 -36.38
CA GLN A 295 26.22 15.00 -36.75
C GLN A 295 26.88 16.36 -36.54
N LEU A 296 27.96 16.40 -35.76
CA LEU A 296 28.70 17.65 -35.54
C LEU A 296 30.14 17.50 -36.05
N ARG A 297 30.66 18.53 -36.72
CA ARG A 297 32.02 18.48 -37.25
C ARG A 297 32.98 19.32 -36.41
N PHE A 298 34.06 18.69 -35.94
CA PHE A 298 35.12 19.39 -35.19
C PHE A 298 36.47 19.03 -35.77
N GLY A 299 37.00 19.94 -36.57
CA GLY A 299 38.15 19.65 -37.39
C GLY A 299 37.75 18.59 -38.40
N SER A 300 38.56 17.53 -38.46
CA SER A 300 38.57 16.60 -39.59
C SER A 300 37.48 15.52 -39.50
N SER A 301 37.13 15.15 -38.28
CA SER A 301 36.20 14.03 -38.03
C SER A 301 34.78 14.47 -37.62
N ASN A 302 33.79 13.69 -38.04
CA ASN A 302 32.41 13.87 -37.60
C ASN A 302 32.23 13.21 -36.25
N THR A 303 31.49 13.87 -35.36
CA THR A 303 31.12 13.26 -34.10
C THR A 303 29.64 13.05 -34.12
N GLU A 304 29.23 11.87 -33.71
CA GLU A 304 27.84 11.52 -33.70
C GLU A 304 27.28 11.85 -32.31
N VAL A 305 26.26 12.69 -32.25
CA VAL A 305 25.52 12.95 -31.00
C VAL A 305 24.08 12.46 -31.08
N ILE A 306 23.66 11.69 -30.09
CA ILE A 306 22.26 11.32 -29.95
C ILE A 306 21.66 11.97 -28.69
N HIS A 307 20.70 12.87 -28.85
CA HIS A 307 20.06 13.59 -27.75
C HIS A 307 18.96 12.79 -27.13
N ASN A 308 18.83 12.84 -25.82
CA ASN A 308 17.69 12.22 -25.13
C ASN A 308 17.36 13.03 -23.85
N TYR A 309 16.60 14.09 -24.06
CA TYR A 309 16.22 15.00 -22.96
C TYR A 309 14.89 15.68 -23.22
N GLY A 310 14.34 16.26 -22.17
CA GLY A 310 13.05 16.94 -22.23
C GLY A 310 11.90 16.04 -21.84
N HIS A 311 12.06 15.24 -20.77
CA HIS A 311 11.02 14.29 -20.34
C HIS A 311 10.06 14.85 -19.26
N GLY A 312 10.05 16.16 -19.10
CA GLY A 312 9.09 16.81 -18.22
C GLY A 312 8.87 16.13 -16.87
N GLY A 313 7.60 15.95 -16.51
CA GLY A 313 7.22 15.30 -15.27
C GLY A 313 6.93 13.81 -15.41
N TYR A 314 7.56 13.18 -16.40
CA TYR A 314 7.28 11.79 -16.72
C TYR A 314 8.51 10.96 -17.14
N GLY A 315 9.69 11.45 -16.82
CA GLY A 315 10.95 10.73 -17.10
C GLY A 315 11.09 9.29 -16.61
N LEU A 316 10.63 9.01 -15.40
CA LEU A 316 10.66 7.64 -14.92
C LEU A 316 9.63 6.79 -15.67
N THR A 317 8.48 7.40 -15.93
CA THR A 317 7.37 6.74 -16.59
C THR A 317 7.74 6.25 -18.00
N ILE A 318 8.61 7.01 -18.67
CA ILE A 318 8.89 6.82 -20.11
C ILE A 318 10.32 6.32 -20.46
N HIS A 319 11.20 6.25 -19.46
CA HIS A 319 12.65 6.15 -19.71
C HIS A 319 13.06 4.93 -20.54
N TRP A 320 12.50 3.75 -20.26
CA TRP A 320 12.97 2.54 -20.92
C TRP A 320 12.70 2.59 -22.42
N GLY A 321 11.52 3.04 -22.79
CA GLY A 321 11.24 3.21 -24.22
C GLY A 321 12.23 4.12 -24.90
N CYS A 322 12.63 5.19 -24.21
CA CYS A 322 13.52 6.18 -24.79
C CYS A 322 14.95 5.62 -24.92
N ALA A 323 15.38 4.84 -23.93
CA ALA A 323 16.67 4.23 -23.95
C ALA A 323 16.72 3.25 -25.13
N LEU A 324 15.67 2.46 -25.29
CA LEU A 324 15.56 1.52 -26.39
C LEU A 324 15.59 2.24 -27.75
N GLU A 325 14.95 3.40 -27.86
CA GLU A 325 15.01 4.15 -29.09
C GLU A 325 16.42 4.67 -29.38
N VAL A 326 17.17 5.04 -28.34
CA VAL A 326 18.52 5.54 -28.51
C VAL A 326 19.41 4.39 -29.01
N ALA A 327 19.20 3.20 -28.47
CA ALA A 327 19.95 2.03 -28.90
C ALA A 327 19.69 1.66 -30.37
N LYS A 328 18.47 1.88 -30.84
CA LYS A 328 18.15 1.69 -32.24
C LYS A 328 18.95 2.66 -33.11
N LEU A 329 18.92 3.93 -32.73
CA LEU A 329 19.65 4.95 -33.45
C LEU A 329 21.18 4.69 -33.42
N PHE A 330 21.68 4.15 -32.30
CA PHE A 330 23.05 3.67 -32.21
C PHE A 330 23.32 2.53 -33.22
N GLY A 331 22.43 1.55 -33.29
CA GLY A 331 22.54 0.51 -34.30
C GLY A 331 22.72 1.07 -35.71
N LYS A 332 22.01 2.14 -36.00
CA LYS A 332 22.03 2.70 -37.35
C LYS A 332 23.33 3.43 -37.61
N VAL A 333 23.89 4.05 -36.55
CA VAL A 333 25.24 4.61 -36.58
C VAL A 333 26.26 3.52 -36.94
N LEU A 334 26.17 2.41 -36.25
CA LEU A 334 27.00 1.26 -36.55
C LEU A 334 26.87 0.83 -38.00
N GLU A 335 25.65 0.59 -38.44
CA GLU A 335 25.49 0.04 -39.78
C GLU A 335 25.98 1.04 -40.83
N GLU A 336 26.00 2.33 -40.52
CA GLU A 336 26.52 3.35 -41.46
C GLU A 336 28.02 3.22 -41.67
N ARG A 337 28.68 2.61 -40.71
CA ARG A 337 30.12 2.33 -40.78
C ARG A 337 30.37 0.88 -41.14
N ASN A 338 29.41 0.28 -41.84
CA ASN A 338 29.39 -1.14 -42.20
C ASN A 338 29.79 -2.08 -41.07
N LEU A 339 29.40 -1.78 -39.84
CA LEU A 339 29.54 -2.74 -38.75
C LEU A 339 28.18 -3.44 -38.61
N LEU A 340 28.14 -4.60 -37.95
CA LEU A 340 27.00 -5.51 -38.10
C LEU A 340 26.32 -6.04 -36.84
N THR A 341 25.02 -6.31 -36.95
CA THR A 341 24.29 -7.12 -35.97
C THR A 341 23.38 -8.15 -36.64
N MET B 1 -28.10 -0.14 37.49
CA MET B 1 -27.70 -1.15 36.47
C MET B 1 -26.18 -1.29 36.42
N ARG B 2 -25.67 -2.38 36.99
CA ARG B 2 -24.25 -2.68 36.96
C ARG B 2 -23.99 -3.80 35.94
N VAL B 3 -23.31 -3.43 34.86
CA VAL B 3 -22.97 -4.33 33.77
C VAL B 3 -21.47 -4.62 33.82
N VAL B 4 -21.11 -5.90 33.87
CA VAL B 4 -19.70 -6.29 33.80
C VAL B 4 -19.47 -7.00 32.47
N VAL B 5 -18.63 -6.39 31.64
CA VAL B 5 -18.16 -7.05 30.43
C VAL B 5 -16.90 -7.81 30.79
N ILE B 6 -16.87 -9.12 30.54
CA ILE B 6 -15.68 -9.95 30.74
C ILE B 6 -14.98 -10.15 29.40
N GLY B 7 -13.78 -9.61 29.27
CA GLY B 7 -13.00 -9.73 28.05
C GLY B 7 -12.59 -8.36 27.56
N ALA B 8 -11.32 -8.20 27.22
CA ALA B 8 -10.85 -6.92 26.70
C ALA B 8 -10.18 -7.05 25.35
N GLY B 9 -10.63 -8.05 24.58
CA GLY B 9 -10.24 -8.18 23.16
C GLY B 9 -11.18 -7.33 22.33
N VAL B 10 -11.11 -7.44 21.01
CA VAL B 10 -11.95 -6.63 20.16
C VAL B 10 -13.42 -6.81 20.55
N ILE B 11 -13.83 -8.04 20.83
CA ILE B 11 -15.23 -8.31 21.09
C ILE B 11 -15.69 -7.61 22.37
N GLY B 12 -14.96 -7.79 23.47
CA GLY B 12 -15.30 -7.17 24.72
C GLY B 12 -15.39 -5.66 24.68
N LEU B 13 -14.36 -5.02 24.15
CA LEU B 13 -14.30 -3.57 24.20
C LEU B 13 -15.28 -2.94 23.23
N SER B 14 -15.40 -3.49 22.03
CA SER B 14 -16.40 -2.99 21.08
C SER B 14 -17.82 -3.05 21.68
N THR B 15 -18.16 -4.16 22.32
CA THR B 15 -19.46 -4.32 22.95
C THR B 15 -19.65 -3.32 24.10
N ALA B 16 -18.62 -3.16 24.92
CA ALA B 16 -18.71 -2.23 26.05
C ALA B 16 -18.97 -0.80 25.55
N LEU B 17 -18.18 -0.35 24.56
CA LEU B 17 -18.41 0.95 23.95
C LEU B 17 -19.78 1.08 23.33
N CYS B 18 -20.24 0.04 22.67
CA CYS B 18 -21.52 0.10 22.01
C CYS B 18 -22.64 0.25 23.05
N ILE B 19 -22.58 -0.53 24.12
CA ILE B 19 -23.62 -0.45 25.12
C ILE B 19 -23.64 0.95 25.73
N HIS B 20 -22.46 1.42 26.12
CA HIS B 20 -22.34 2.68 26.80
C HIS B 20 -22.77 3.89 25.95
N GLU B 21 -22.34 3.93 24.70
CA GLU B 21 -22.67 5.04 23.79
C GLU B 21 -24.18 5.08 23.56
N ARG B 22 -24.83 3.93 23.70
CA ARG B 22 -26.22 3.81 23.35
C ARG B 22 -27.13 4.13 24.56
N TYR B 23 -26.68 3.82 25.76
CA TYR B 23 -27.53 3.93 26.95
C TYR B 23 -27.10 4.94 28.00
N HIS B 24 -25.90 5.51 27.89
CA HIS B 24 -25.46 6.50 28.87
C HIS B 24 -26.43 7.65 28.95
N SER B 25 -26.85 8.14 27.78
CA SER B 25 -27.67 9.33 27.73
C SER B 25 -29.08 9.10 28.31
N VAL B 26 -29.60 7.87 28.28
CA VAL B 26 -30.98 7.67 28.69
C VAL B 26 -31.23 6.85 29.96
N LEU B 27 -30.17 6.28 30.53
CA LEU B 27 -30.31 5.45 31.74
C LEU B 27 -29.33 5.94 32.81
N GLN B 28 -29.88 6.51 33.88
CA GLN B 28 -29.14 6.83 35.10
C GLN B 28 -29.74 5.98 36.24
N PRO B 29 -28.90 5.25 36.99
CA PRO B 29 -27.47 5.13 36.74
C PRO B 29 -27.17 3.90 35.90
N LEU B 30 -26.11 4.00 35.11
CA LEU B 30 -25.58 2.89 34.34
C LEU B 30 -24.11 2.81 34.72
N ASP B 31 -23.69 1.66 35.23
CA ASP B 31 -22.31 1.47 35.57
C ASP B 31 -21.75 0.32 34.73
N VAL B 32 -20.92 0.65 33.74
CA VAL B 32 -20.27 -0.38 32.93
C VAL B 32 -18.81 -0.54 33.33
N LYS B 33 -18.42 -1.76 33.69
CA LYS B 33 -17.03 -2.06 33.98
C LYS B 33 -16.58 -3.23 33.11
N VAL B 34 -15.28 -3.24 32.80
CA VAL B 34 -14.62 -4.32 32.08
C VAL B 34 -13.70 -5.08 33.02
N TYR B 35 -13.88 -6.40 33.05
CA TYR B 35 -12.96 -7.31 33.73
C TYR B 35 -12.28 -8.21 32.69
N ALA B 36 -10.98 -8.39 32.83
CA ALA B 36 -10.24 -9.32 32.00
C ALA B 36 -8.93 -9.68 32.71
N ASP B 37 -8.37 -10.85 32.37
CA ASP B 37 -7.05 -11.24 32.87
C ASP B 37 -5.90 -10.90 31.92
N ARG B 38 -6.22 -10.45 30.72
CA ARG B 38 -5.19 -9.89 29.84
C ARG B 38 -5.77 -8.76 28.98
N PHE B 39 -5.02 -7.64 28.92
CA PHE B 39 -5.30 -6.47 28.12
C PHE B 39 -4.27 -6.37 27.01
N THR B 40 -4.51 -5.52 26.01
CA THR B 40 -3.48 -5.25 24.99
C THR B 40 -2.18 -5.07 25.74
N PRO B 41 -1.07 -5.54 25.15
CA PRO B 41 -0.99 -6.27 23.88
C PRO B 41 -1.03 -7.77 24.05
N PHE B 42 -1.67 -8.26 25.11
CA PHE B 42 -1.61 -9.68 25.40
C PHE B 42 -2.84 -10.48 25.05
N THR B 43 -3.65 -10.00 24.12
CA THR B 43 -4.87 -10.75 23.70
C THR B 43 -4.67 -11.34 22.30
N THR B 44 -5.45 -12.35 21.97
CA THR B 44 -5.48 -12.88 20.59
C THR B 44 -5.68 -11.75 19.57
N THR B 45 -6.58 -10.82 19.88
CA THR B 45 -6.82 -9.68 19.00
C THR B 45 -5.49 -8.99 18.59
N ASP B 46 -4.55 -8.88 19.53
CA ASP B 46 -3.29 -8.19 19.24
C ASP B 46 -2.47 -8.89 18.19
N VAL B 47 -2.75 -10.15 17.97
CA VAL B 47 -1.95 -10.95 17.04
C VAL B 47 -2.62 -11.02 15.67
N ALA B 48 -3.87 -10.62 15.60
CA ALA B 48 -4.61 -10.68 14.35
C ALA B 48 -3.88 -10.09 13.15
N ALA B 49 -4.00 -10.78 12.00
CA ALA B 49 -3.38 -10.28 10.79
C ALA B 49 -3.75 -8.83 10.53
N GLY B 50 -5.02 -8.46 10.78
CA GLY B 50 -5.45 -7.06 10.71
C GLY B 50 -6.24 -6.69 9.46
N LEU B 51 -6.88 -7.65 8.81
CA LEU B 51 -7.57 -7.38 7.56
C LEU B 51 -9.05 -7.73 7.66
N TRP B 52 -9.87 -7.00 6.91
CA TRP B 52 -11.29 -7.27 6.84
C TRP B 52 -11.53 -8.21 5.68
N GLN B 53 -11.90 -9.44 5.99
CA GLN B 53 -12.36 -10.38 4.99
C GLN B 53 -12.95 -11.61 5.69
N PRO B 54 -14.23 -11.92 5.40
CA PRO B 54 -14.86 -13.13 5.91
C PRO B 54 -14.35 -14.40 5.22
N TYR B 55 -14.74 -15.57 5.71
CA TYR B 55 -14.38 -16.81 5.04
C TYR B 55 -15.02 -16.84 3.66
N THR B 56 -14.56 -17.79 2.85
CA THR B 56 -15.00 -17.84 1.46
C THR B 56 -16.37 -18.48 1.27
N SER B 57 -16.85 -19.24 2.26
CA SER B 57 -18.22 -19.84 2.18
C SER B 57 -19.23 -19.08 3.04
N GLU B 58 -20.52 -19.18 2.71
CA GLU B 58 -21.56 -18.49 3.50
C GLU B 58 -21.49 -18.97 4.94
N PRO B 59 -22.00 -18.16 5.88
CA PRO B 59 -22.14 -18.65 7.24
C PRO B 59 -23.40 -19.48 7.35
N SER B 60 -23.43 -20.43 8.28
CA SER B 60 -24.64 -21.19 8.55
C SER B 60 -25.74 -20.21 8.94
N ASN B 61 -25.41 -19.33 9.86
CA ASN B 61 -26.33 -18.30 10.31
C ASN B 61 -26.27 -17.08 9.40
N PRO B 62 -27.39 -16.73 8.77
CA PRO B 62 -27.51 -15.56 7.88
C PRO B 62 -27.40 -14.20 8.58
N GLN B 63 -27.56 -14.19 9.90
CA GLN B 63 -27.26 -13.00 10.69
C GLN B 63 -25.79 -12.61 10.61
N GLU B 64 -24.91 -13.58 10.45
CA GLU B 64 -23.47 -13.31 10.43
C GLU B 64 -23.06 -12.50 9.22
N ALA B 65 -23.65 -12.79 8.08
CA ALA B 65 -23.41 -11.99 6.87
C ALA B 65 -23.73 -10.50 7.07
N ASN B 66 -24.86 -10.24 7.71
CA ASN B 66 -25.27 -8.88 8.01
C ASN B 66 -24.30 -8.19 8.96
N TRP B 67 -23.87 -8.92 9.99
CA TRP B 67 -22.95 -8.40 11.01
C TRP B 67 -21.61 -8.02 10.37
N ASN B 68 -21.22 -8.79 9.38
CA ASN B 68 -20.03 -8.52 8.63
C ASN B 68 -20.24 -7.25 7.82
N GLN B 69 -21.38 -7.15 7.16
CA GLN B 69 -21.65 -5.95 6.37
C GLN B 69 -21.74 -4.67 7.22
N GLN B 70 -22.43 -4.75 8.35
CA GLN B 70 -22.48 -3.62 9.27
C GLN B 70 -21.09 -3.21 9.74
N THR B 71 -20.21 -4.18 9.93
CA THR B 71 -18.87 -3.86 10.40
C THR B 71 -18.10 -3.10 9.32
N PHE B 72 -18.20 -3.57 8.07
CA PHE B 72 -17.49 -2.91 6.98
C PHE B 72 -17.96 -1.48 6.80
N ASN B 73 -19.27 -1.27 6.84
CA ASN B 73 -19.85 0.05 6.64
C ASN B 73 -19.48 0.96 7.80
N TYR B 74 -19.45 0.40 8.99
CA TYR B 74 -19.03 1.14 10.14
C TYR B 74 -17.58 1.58 9.93
N LEU B 75 -16.72 0.67 9.52
CA LEU B 75 -15.29 0.99 9.37
C LEU B 75 -15.01 1.91 8.19
N LEU B 76 -15.58 1.62 7.03
CA LEU B 76 -15.45 2.52 5.88
C LEU B 76 -15.84 3.95 6.23
N SER B 77 -16.90 4.11 7.00
CA SER B 77 -17.42 5.45 7.29
C SER B 77 -16.36 6.33 7.92
N HIS B 78 -15.43 5.71 8.64
CA HIS B 78 -14.35 6.44 9.30
C HIS B 78 -13.24 6.93 8.35
N ILE B 79 -13.21 6.43 7.12
CA ILE B 79 -12.20 6.86 6.19
C ILE B 79 -12.60 8.24 5.67
N GLY B 80 -11.72 9.20 5.85
CA GLY B 80 -12.05 10.60 5.67
C GLY B 80 -11.83 11.28 7.01
N SER B 81 -12.03 10.55 8.09
CA SER B 81 -11.81 11.11 9.42
C SER B 81 -10.32 11.34 9.74
N PRO B 82 -9.99 12.42 10.47
CA PRO B 82 -8.62 12.65 10.86
C PRO B 82 -7.99 11.53 11.70
N ASN B 83 -8.81 10.77 12.43
CA ASN B 83 -8.26 9.76 13.35
C ASN B 83 -8.30 8.31 12.86
N ALA B 84 -8.57 8.10 11.58
CA ALA B 84 -8.69 6.73 11.06
C ALA B 84 -7.45 5.89 11.41
N ALA B 85 -6.26 6.37 11.08
CA ALA B 85 -5.02 5.64 11.33
C ALA B 85 -4.74 5.42 12.81
N ASN B 86 -5.09 6.39 13.66
CA ASN B 86 -4.90 6.21 15.11
C ASN B 86 -5.86 5.17 15.71
N MET B 87 -6.93 4.85 14.98
CA MET B 87 -7.80 3.71 15.31
C MET B 87 -7.24 2.35 14.80
N GLY B 88 -6.23 2.39 13.93
CA GLY B 88 -5.69 1.15 13.35
C GLY B 88 -6.21 0.87 11.95
N LEU B 89 -6.78 1.90 11.33
CA LEU B 89 -7.62 1.74 10.16
C LEU B 89 -7.07 2.45 8.95
N THR B 90 -6.93 1.72 7.85
CA THR B 90 -6.60 2.33 6.58
C THR B 90 -7.08 1.42 5.42
N PRO B 91 -7.35 2.01 4.24
CA PRO B 91 -7.73 1.21 3.08
C PRO B 91 -6.56 0.53 2.37
N VAL B 92 -6.77 -0.72 1.94
CA VAL B 92 -5.78 -1.50 1.20
C VAL B 92 -6.46 -2.26 0.11
N SER B 93 -5.75 -2.46 -0.99
CA SER B 93 -6.21 -3.26 -2.06
C SER B 93 -5.36 -4.51 -2.10
N GLY B 94 -5.89 -5.58 -2.66
CA GLY B 94 -5.11 -6.82 -2.74
C GLY B 94 -5.75 -7.95 -3.49
N TYR B 95 -5.14 -9.12 -3.37
CA TYR B 95 -5.42 -10.23 -4.26
C TYR B 95 -5.81 -11.50 -3.51
N ASN B 96 -6.72 -12.28 -4.09
CA ASN B 96 -7.09 -13.59 -3.55
C ASN B 96 -6.81 -14.59 -4.65
N LEU B 97 -5.92 -15.55 -4.39
CA LEU B 97 -5.44 -16.44 -5.42
C LEU B 97 -5.87 -17.90 -5.25
N PHE B 98 -6.19 -18.54 -6.37
CA PHE B 98 -6.69 -19.91 -6.42
C PHE B 98 -6.01 -20.78 -7.49
N ARG B 99 -6.00 -22.09 -7.27
CA ARG B 99 -5.40 -23.02 -8.22
C ARG B 99 -6.40 -23.35 -9.31
N GLU B 100 -7.69 -23.05 -9.06
CA GLU B 100 -8.74 -23.26 -10.05
C GLU B 100 -9.88 -22.29 -9.86
N ALA B 101 -10.74 -22.21 -10.86
CA ALA B 101 -11.93 -21.37 -10.77
C ALA B 101 -12.75 -21.73 -9.55
N VAL B 102 -13.32 -20.70 -8.91
CA VAL B 102 -14.17 -20.87 -7.73
C VAL B 102 -15.36 -19.89 -7.80
N PRO B 103 -16.47 -20.22 -7.17
CA PRO B 103 -17.55 -19.23 -7.22
C PRO B 103 -17.21 -17.91 -6.52
N ASP B 104 -17.90 -16.83 -6.91
CA ASP B 104 -17.80 -15.56 -6.21
C ASP B 104 -18.23 -15.69 -4.73
N PRO B 105 -17.59 -14.93 -3.83
CA PRO B 105 -17.94 -14.95 -2.42
C PRO B 105 -19.18 -14.10 -2.12
N TYR B 106 -19.88 -14.42 -1.04
CA TYR B 106 -21.11 -13.70 -0.70
C TYR B 106 -20.88 -12.25 -0.43
N TRP B 107 -19.62 -11.92 -0.06
CA TRP B 107 -19.20 -10.56 0.30
C TRP B 107 -18.66 -9.71 -0.84
N LYS B 108 -18.71 -10.22 -2.06
CA LYS B 108 -18.17 -9.51 -3.21
C LYS B 108 -18.67 -8.07 -3.35
N ASP B 109 -19.91 -7.79 -2.95
CA ASP B 109 -20.47 -6.43 -3.12
C ASP B 109 -20.26 -5.58 -1.87
N MET B 110 -19.93 -6.20 -0.74
CA MET B 110 -19.61 -5.46 0.48
C MET B 110 -18.26 -4.73 0.36
N VAL B 111 -17.24 -5.39 -0.19
CA VAL B 111 -15.94 -4.73 -0.41
C VAL B 111 -16.05 -3.70 -1.54
N LEU B 112 -14.91 -3.13 -1.95
CA LEU B 112 -14.89 -2.11 -3.01
C LEU B 112 -14.21 -2.64 -4.24
N GLY B 113 -14.83 -2.43 -5.40
CA GLY B 113 -14.21 -2.78 -6.67
C GLY B 113 -13.83 -4.23 -6.81
N PHE B 114 -14.68 -5.13 -6.34
CA PHE B 114 -14.44 -6.56 -6.56
C PHE B 114 -14.49 -6.92 -8.05
N ARG B 115 -13.52 -7.70 -8.51
CA ARG B 115 -13.56 -8.27 -9.85
C ARG B 115 -12.65 -9.52 -9.91
N LYS B 116 -12.76 -10.30 -10.96
CA LYS B 116 -11.86 -11.41 -11.22
C LYS B 116 -10.58 -10.85 -11.84
N LEU B 117 -9.47 -11.56 -11.66
CA LEU B 117 -8.16 -11.12 -12.16
C LEU B 117 -7.99 -11.44 -13.65
N THR B 118 -7.39 -10.52 -14.38
CA THR B 118 -7.16 -10.69 -15.82
C THR B 118 -5.91 -11.55 -16.01
N PRO B 119 -5.82 -12.24 -17.16
CA PRO B 119 -4.65 -13.08 -17.48
C PRO B 119 -3.29 -12.40 -17.29
N ARG B 120 -3.30 -11.10 -17.49
CA ARG B 120 -2.10 -10.27 -17.35
C ARG B 120 -1.65 -10.10 -15.90
N GLU B 121 -2.63 -9.91 -14.99
CA GLU B 121 -2.38 -9.86 -13.55
C GLU B 121 -1.85 -11.20 -13.05
N LEU B 122 -2.43 -12.29 -13.55
CA LEU B 122 -2.07 -13.62 -13.13
C LEU B 122 -0.59 -13.98 -13.33
N ASP B 123 0.05 -13.36 -14.32
CA ASP B 123 1.47 -13.63 -14.57
C ASP B 123 2.38 -13.06 -13.47
N MET B 124 1.86 -12.15 -12.64
CA MET B 124 2.53 -11.73 -11.41
C MET B 124 2.60 -12.87 -10.40
N PHE B 125 1.68 -13.83 -10.52
CA PHE B 125 1.63 -14.95 -9.60
C PHE B 125 1.62 -16.29 -10.36
N PRO B 126 2.81 -16.73 -10.79
CA PRO B 126 3.01 -17.95 -11.60
C PRO B 126 2.28 -19.19 -11.08
N ASP B 127 2.22 -19.38 -9.76
CA ASP B 127 1.69 -20.63 -9.21
C ASP B 127 0.16 -20.81 -9.20
N TYR B 128 -0.58 -19.77 -9.57
CA TYR B 128 -2.04 -19.74 -9.41
C TYR B 128 -2.69 -19.40 -10.72
N ARG B 129 -3.95 -19.80 -10.88
CA ARG B 129 -4.65 -19.75 -12.16
C ARG B 129 -5.92 -18.90 -12.19
N TYR B 130 -6.40 -18.52 -11.02
CA TYR B 130 -7.65 -17.78 -10.93
C TYR B 130 -7.64 -16.94 -9.67
N GLY B 131 -8.26 -15.77 -9.69
CA GLY B 131 -8.36 -14.98 -8.46
C GLY B 131 -9.26 -13.77 -8.46
N TRP B 132 -9.17 -13.02 -7.37
CA TRP B 132 -9.94 -11.80 -7.17
C TRP B 132 -9.05 -10.59 -6.94
N PHE B 133 -9.55 -9.41 -7.29
CA PHE B 133 -8.98 -8.17 -6.76
C PHE B 133 -10.08 -7.45 -6.01
N ASN B 134 -9.72 -6.79 -4.90
CA ASN B 134 -10.65 -5.83 -4.27
C ASN B 134 -9.95 -4.84 -3.32
N THR B 135 -10.67 -3.85 -2.87
CA THR B 135 -10.17 -2.94 -1.90
C THR B 135 -10.97 -3.20 -0.62
N SER B 136 -10.25 -3.27 0.51
CA SER B 136 -10.84 -3.57 1.80
C SER B 136 -10.18 -2.65 2.78
N LEU B 137 -10.23 -2.99 4.06
CA LEU B 137 -9.58 -2.13 5.07
C LEU B 137 -8.67 -2.93 5.95
N ILE B 138 -7.57 -2.32 6.35
CA ILE B 138 -6.75 -2.82 7.45
C ILE B 138 -7.44 -2.39 8.72
N LEU B 139 -7.53 -3.27 9.70
CA LEU B 139 -7.92 -2.88 11.06
C LEU B 139 -6.98 -3.54 12.02
N GLU B 140 -5.95 -2.81 12.43
CA GLU B 140 -4.96 -3.33 13.36
C GLU B 140 -5.47 -3.54 14.78
N GLY B 141 -5.47 -4.81 15.20
CA GLY B 141 -5.94 -5.21 16.51
C GLY B 141 -5.38 -4.39 17.65
N ARG B 142 -4.06 -4.31 17.70
CA ARG B 142 -3.32 -3.66 18.78
C ARG B 142 -3.74 -2.20 18.85
N LYS B 143 -3.68 -1.52 17.72
CA LYS B 143 -4.01 -0.09 17.70
C LYS B 143 -5.48 0.14 18.01
N TYR B 144 -6.36 -0.74 17.52
CA TYR B 144 -7.78 -0.56 17.71
C TYR B 144 -8.12 -0.78 19.17
N LEU B 145 -7.41 -1.69 19.79
CA LEU B 145 -7.61 -1.95 21.22
C LEU B 145 -7.19 -0.74 22.06
N GLN B 146 -6.06 -0.12 21.72
CA GLN B 146 -5.64 1.10 22.40
C GLN B 146 -6.64 2.24 22.18
N TRP B 147 -7.13 2.40 20.96
CA TRP B 147 -8.16 3.42 20.68
C TRP B 147 -9.41 3.21 21.52
N LEU B 148 -9.99 2.02 21.42
CA LEU B 148 -11.19 1.69 22.20
C LEU B 148 -10.97 1.85 23.69
N THR B 149 -9.84 1.45 24.22
CA THR B 149 -9.67 1.66 25.64
C THR B 149 -9.59 3.12 26.02
N GLU B 150 -8.99 3.96 25.19
CA GLU B 150 -9.03 5.42 25.47
C GLU B 150 -10.44 6.00 25.37
N ARG B 151 -11.22 5.54 24.41
CA ARG B 151 -12.58 6.03 24.20
C ARG B 151 -13.49 5.60 25.35
N LEU B 152 -13.29 4.38 25.85
CA LEU B 152 -14.04 3.88 27.03
C LEU B 152 -13.66 4.67 28.32
N THR B 153 -12.38 4.74 28.57
CA THR B 153 -11.81 5.45 29.70
C THR B 153 -12.30 6.91 29.83
N GLU B 154 -12.33 7.66 28.74
CA GLU B 154 -12.79 9.04 28.76
C GLU B 154 -14.25 9.11 29.11
N ARG B 155 -15.00 8.05 28.84
CA ARG B 155 -16.42 8.06 29.12
C ARG B 155 -16.69 7.58 30.55
N GLY B 156 -15.65 7.22 31.29
CA GLY B 156 -15.83 6.78 32.69
C GLY B 156 -16.02 5.28 32.90
N VAL B 157 -15.80 4.49 31.86
CA VAL B 157 -15.83 3.02 31.99
C VAL B 157 -14.49 2.56 32.60
N LYS B 158 -14.56 1.81 33.70
CA LYS B 158 -13.36 1.42 34.44
C LYS B 158 -12.94 -0.01 34.10
N PHE B 159 -11.63 -0.24 34.03
CA PHE B 159 -11.06 -1.57 33.74
C PHE B 159 -10.44 -2.18 34.99
N PHE B 160 -10.51 -3.51 35.09
CA PHE B 160 -9.97 -4.25 36.22
C PHE B 160 -9.29 -5.49 35.70
N LEU B 161 -7.99 -5.55 35.89
CA LEU B 161 -7.22 -6.70 35.52
C LEU B 161 -7.51 -7.78 36.55
N ARG B 162 -8.40 -8.71 36.20
CA ARG B 162 -8.69 -9.83 37.08
C ARG B 162 -9.22 -11.06 36.35
N LYS B 163 -8.98 -12.21 36.97
CA LYS B 163 -9.37 -13.49 36.43
C LYS B 163 -10.67 -13.94 37.07
N VAL B 164 -11.70 -14.10 36.24
CA VAL B 164 -13.00 -14.52 36.71
C VAL B 164 -13.01 -16.07 36.83
N GLU B 165 -13.38 -16.58 37.99
CA GLU B 165 -13.44 -18.03 38.18
C GLU B 165 -14.79 -18.61 37.81
N SER B 166 -15.86 -17.84 37.95
CA SER B 166 -17.20 -18.29 37.54
C SER B 166 -18.12 -17.09 37.27
N PHE B 167 -19.26 -17.33 36.63
CA PHE B 167 -20.24 -16.27 36.44
C PHE B 167 -20.83 -15.89 37.79
N GLU B 168 -20.96 -16.91 38.65
CA GLU B 168 -21.53 -16.77 39.98
C GLU B 168 -20.85 -15.65 40.78
N GLU B 169 -19.54 -15.78 40.91
CA GLU B 169 -18.70 -14.83 41.62
C GLU B 169 -18.96 -13.37 41.20
N VAL B 170 -19.05 -13.14 39.90
CA VAL B 170 -19.21 -11.79 39.39
C VAL B 170 -20.59 -11.25 39.69
N ALA B 171 -21.61 -12.11 39.57
CA ALA B 171 -22.97 -11.78 39.95
C ALA B 171 -23.04 -11.50 41.44
N ARG B 172 -22.45 -12.38 42.24
CA ARG B 172 -22.49 -12.20 43.70
C ARG B 172 -21.83 -10.86 44.07
N GLY B 173 -20.79 -10.47 43.34
CA GLY B 173 -20.11 -9.22 43.64
C GLY B 173 -20.87 -7.99 43.17
N GLY B 174 -22.06 -8.17 42.61
CA GLY B 174 -22.91 -7.02 42.29
C GLY B 174 -23.27 -6.75 40.84
N ALA B 175 -22.94 -7.66 39.92
CA ALA B 175 -23.35 -7.47 38.53
C ALA B 175 -24.80 -7.89 38.28
N ASP B 176 -25.55 -6.99 37.64
CA ASP B 176 -26.91 -7.28 37.20
C ASP B 176 -26.92 -7.92 35.84
N VAL B 177 -25.98 -7.50 34.99
CA VAL B 177 -25.77 -8.12 33.69
C VAL B 177 -24.31 -8.44 33.40
N ILE B 178 -24.07 -9.62 32.84
CA ILE B 178 -22.74 -10.02 32.45
C ILE B 178 -22.72 -10.19 30.94
N ILE B 179 -21.77 -9.54 30.28
CA ILE B 179 -21.56 -9.75 28.86
C ILE B 179 -20.34 -10.64 28.71
N ASN B 180 -20.52 -11.82 28.16
CA ASN B 180 -19.44 -12.81 28.16
C ASN B 180 -18.66 -12.78 26.84
N CYS B 181 -17.52 -12.07 26.88
CA CYS B 181 -16.67 -11.93 25.70
C CYS B 181 -15.30 -12.53 25.95
N THR B 182 -15.28 -13.79 26.36
CA THR B 182 -14.05 -14.43 26.82
C THR B 182 -13.28 -15.17 25.72
N GLY B 183 -13.75 -15.09 24.48
CA GLY B 183 -13.07 -15.71 23.36
C GLY B 183 -12.96 -17.20 23.50
N VAL B 184 -11.76 -17.72 23.23
CA VAL B 184 -11.54 -19.14 23.10
C VAL B 184 -11.56 -19.85 24.45
N TRP B 185 -11.54 -19.07 25.54
CA TRP B 185 -11.51 -19.61 26.91
C TRP B 185 -12.88 -19.62 27.58
N ALA B 186 -13.94 -19.28 26.86
CA ALA B 186 -15.31 -19.26 27.43
C ALA B 186 -15.69 -20.58 28.10
N GLY B 187 -15.09 -21.67 27.62
CA GLY B 187 -15.39 -23.02 28.12
C GLY B 187 -15.05 -23.23 29.58
N VAL B 188 -14.04 -22.50 30.08
CA VAL B 188 -13.68 -22.46 31.51
C VAL B 188 -14.85 -22.01 32.40
N LEU B 189 -15.72 -21.12 31.93
CA LEU B 189 -16.77 -20.60 32.78
C LEU B 189 -18.10 -21.33 32.53
N GLN B 190 -18.23 -21.95 31.36
CA GLN B 190 -19.36 -22.79 31.05
C GLN B 190 -18.92 -23.72 29.90
N PRO B 191 -18.86 -25.03 30.18
CA PRO B 191 -18.42 -25.94 29.13
C PRO B 191 -19.24 -25.81 27.85
N ASP B 192 -18.52 -25.79 26.72
CA ASP B 192 -19.12 -25.64 25.41
C ASP B 192 -18.30 -26.47 24.43
N PRO B 193 -18.77 -27.69 24.11
CA PRO B 193 -17.94 -28.62 23.33
C PRO B 193 -17.77 -28.24 21.84
N LEU B 194 -18.61 -27.34 21.34
CA LEU B 194 -18.49 -26.84 19.98
C LEU B 194 -17.36 -25.82 19.83
N LEU B 195 -16.78 -25.35 20.93
CA LEU B 195 -15.75 -24.28 20.86
C LEU B 195 -14.37 -24.89 20.91
N GLN B 196 -13.57 -24.61 19.88
CA GLN B 196 -12.25 -25.23 19.73
C GLN B 196 -11.20 -24.15 19.47
N PRO B 197 -9.92 -24.42 19.80
CA PRO B 197 -8.98 -23.39 19.44
C PRO B 197 -8.45 -23.55 18.02
N GLY B 198 -8.33 -22.43 17.32
CA GLY B 198 -7.81 -22.40 15.98
C GLY B 198 -6.45 -21.79 16.07
N ARG B 199 -5.45 -22.64 16.23
CA ARG B 199 -4.09 -22.17 16.41
C ARG B 199 -3.52 -21.57 15.14
N GLY B 200 -3.15 -20.31 15.23
CA GLY B 200 -2.51 -19.65 14.14
C GLY B 200 -1.18 -19.03 14.56
N GLN B 201 -0.20 -19.20 13.69
CA GLN B 201 1.15 -18.67 13.92
C GLN B 201 1.49 -17.66 12.81
N ILE B 202 2.15 -16.58 13.18
CA ILE B 202 2.49 -15.55 12.21
C ILE B 202 3.90 -15.07 12.42
N ILE B 203 4.51 -14.62 11.33
CA ILE B 203 5.79 -13.98 11.37
C ILE B 203 5.56 -12.54 10.98
N LYS B 204 5.99 -11.60 11.82
CA LYS B 204 5.90 -10.17 11.50
C LYS B 204 7.26 -9.69 10.97
N VAL B 205 7.20 -8.87 9.93
CA VAL B 205 8.35 -8.56 9.15
C VAL B 205 8.33 -7.09 8.75
N ASP B 206 9.49 -6.47 8.74
CA ASP B 206 9.69 -5.13 8.18
C ASP B 206 9.88 -5.25 6.67
N ALA B 207 8.85 -4.89 5.90
CA ALA B 207 8.97 -4.92 4.44
C ALA B 207 8.05 -3.86 3.87
N PRO B 208 8.43 -2.59 4.06
CA PRO B 208 7.45 -1.54 3.80
C PRO B 208 7.19 -1.31 2.32
N TRP B 209 7.93 -1.94 1.43
CA TRP B 209 7.64 -1.80 0.00
C TRP B 209 6.35 -2.51 -0.44
N LEU B 210 5.89 -3.47 0.37
CA LEU B 210 4.67 -4.21 0.08
C LEU B 210 3.39 -3.44 0.50
N LYS B 211 2.56 -3.05 -0.50
CA LYS B 211 1.41 -2.15 -0.33
C LYS B 211 0.07 -2.85 -0.51
N ASN B 212 0.11 -4.13 -0.85
CA ASN B 212 -1.09 -4.90 -1.19
C ASN B 212 -1.20 -6.17 -0.35
N PHE B 213 -2.42 -6.59 -0.04
CA PHE B 213 -2.55 -7.89 0.58
C PHE B 213 -2.53 -8.98 -0.49
N ILE B 214 -1.96 -10.13 -0.14
CA ILE B 214 -1.91 -11.25 -1.08
C ILE B 214 -2.33 -12.50 -0.28
N ILE B 215 -3.48 -13.05 -0.61
CA ILE B 215 -4.02 -14.19 0.12
C ILE B 215 -4.25 -15.38 -0.83
N THR B 216 -3.53 -16.46 -0.61
CA THR B 216 -3.67 -17.64 -1.41
C THR B 216 -4.58 -18.64 -0.72
N HIS B 217 -5.22 -19.48 -1.53
CA HIS B 217 -6.07 -20.55 -1.04
C HIS B 217 -5.65 -21.92 -1.59
N ASP B 218 -5.85 -22.93 -0.78
CA ASP B 218 -5.56 -24.31 -1.12
C ASP B 218 -6.81 -25.03 -0.66
N LEU B 219 -7.70 -25.31 -1.60
CA LEU B 219 -9.02 -25.89 -1.29
C LEU B 219 -8.96 -27.23 -0.51
N GLU B 220 -7.88 -28.01 -0.72
CA GLU B 220 -7.74 -29.32 -0.09
C GLU B 220 -7.03 -29.28 1.26
N ARG B 221 -6.86 -28.10 1.85
CA ARG B 221 -6.17 -28.00 3.16
C ARG B 221 -6.86 -27.15 4.23
N GLY B 222 -7.94 -26.47 3.87
CA GLY B 222 -8.67 -25.64 4.82
C GLY B 222 -8.18 -24.21 4.88
N ILE B 223 -9.02 -23.32 5.39
CA ILE B 223 -8.78 -21.89 5.26
C ILE B 223 -7.59 -21.39 6.09
N TYR B 224 -6.81 -20.50 5.47
CA TYR B 224 -5.60 -19.90 6.04
C TYR B 224 -4.46 -20.88 6.30
N ASN B 225 -4.61 -22.10 5.76
CA ASN B 225 -3.50 -23.06 5.70
C ASN B 225 -2.84 -23.00 4.32
N SER B 226 -2.49 -21.79 3.93
CA SER B 226 -1.90 -21.51 2.63
C SER B 226 -1.31 -20.10 2.80
N PRO B 227 -0.21 -19.79 2.09
CA PRO B 227 0.47 -18.55 2.42
C PRO B 227 -0.39 -17.30 2.25
N LEU B 228 -0.22 -16.34 3.15
CA LEU B 228 -0.95 -15.08 3.09
C LEU B 228 -0.06 -13.96 3.58
N ILE B 229 -0.18 -12.81 2.92
CA ILE B 229 0.62 -11.65 3.21
C ILE B 229 -0.25 -10.39 3.38
N ILE B 230 -0.15 -9.76 4.55
CA ILE B 230 -1.01 -8.65 4.88
C ILE B 230 -0.21 -7.44 5.41
N PRO B 231 0.01 -6.46 4.56
CA PRO B 231 0.70 -5.28 5.05
C PRO B 231 -0.10 -4.59 6.14
N GLY B 232 0.51 -4.38 7.30
CA GLY B 232 -0.12 -3.64 8.38
C GLY B 232 0.33 -2.20 8.35
N LEU B 233 0.08 -1.49 9.43
CA LEU B 233 0.43 -0.08 9.54
C LEU B 233 1.96 0.18 9.54
N GLN B 234 2.70 -0.61 10.28
CA GLN B 234 4.16 -0.43 10.37
C GLN B 234 4.99 -1.67 10.03
N ALA B 235 4.30 -2.80 9.89
CA ALA B 235 4.97 -4.06 9.68
C ALA B 235 4.08 -4.86 8.77
N VAL B 236 4.54 -6.04 8.38
CA VAL B 236 3.79 -6.89 7.46
C VAL B 236 3.56 -8.21 8.16
N THR B 237 2.34 -8.74 8.07
CA THR B 237 2.04 -10.05 8.66
C THR B 237 2.12 -11.16 7.62
N LEU B 238 2.90 -12.18 7.96
CA LEU B 238 3.07 -13.36 7.14
C LEU B 238 2.40 -14.54 7.81
N GLY B 239 1.50 -15.21 7.12
CA GLY B 239 0.79 -16.33 7.71
C GLY B 239 0.72 -17.52 6.79
N GLY B 240 -0.01 -18.55 7.23
CA GLY B 240 -0.16 -19.76 6.45
C GLY B 240 -0.47 -21.04 7.23
N THR B 241 -0.71 -20.93 8.53
CA THR B 241 -1.22 -22.06 9.32
C THR B 241 -2.42 -21.63 10.16
N PHE B 242 -3.40 -22.51 10.24
CA PHE B 242 -4.59 -22.30 11.05
C PHE B 242 -5.14 -23.69 11.29
N GLN B 243 -4.82 -24.27 12.44
CA GLN B 243 -5.19 -25.68 12.75
C GLN B 243 -6.07 -25.80 14.02
N VAL B 244 -7.23 -26.43 13.86
CA VAL B 244 -8.19 -26.48 14.94
C VAL B 244 -7.85 -27.65 15.86
N GLY B 245 -8.09 -27.45 17.16
CA GLY B 245 -7.81 -28.46 18.17
C GLY B 245 -6.46 -28.36 18.85
N ASN B 246 -5.54 -27.59 18.27
CA ASN B 246 -4.20 -27.52 18.82
C ASN B 246 -4.12 -26.43 19.88
N TRP B 247 -3.79 -26.82 21.11
CA TRP B 247 -3.79 -25.90 22.26
C TRP B 247 -2.38 -25.45 22.66
N ASN B 248 -1.39 -25.74 21.84
CA ASN B 248 0.00 -25.32 22.11
C ASN B 248 0.24 -23.79 21.95
N GLU B 249 0.46 -23.08 23.06
CA GLU B 249 0.63 -21.61 23.00
C GLU B 249 1.99 -21.15 22.51
N ILE B 250 2.92 -22.09 22.32
CA ILE B 250 4.31 -21.74 21.96
C ILE B 250 4.54 -21.87 20.45
N ASN B 251 5.42 -21.02 19.91
CA ASN B 251 5.83 -21.09 18.50
C ASN B 251 6.46 -22.44 18.17
N ASN B 252 6.23 -22.89 16.95
CA ASN B 252 6.75 -24.19 16.51
C ASN B 252 7.63 -24.07 15.25
N ILE B 253 8.58 -24.98 15.14
CA ILE B 253 9.60 -24.89 14.09
C ILE B 253 9.00 -25.17 12.72
N GLN B 254 8.09 -26.13 12.63
CA GLN B 254 7.52 -26.50 11.33
C GLN B 254 6.66 -25.37 10.72
N ASP B 255 5.75 -24.83 11.52
CA ASP B 255 4.89 -23.75 11.07
C ASP B 255 5.73 -22.53 10.66
N HIS B 256 6.80 -22.24 11.41
CA HIS B 256 7.74 -21.21 10.99
C HIS B 256 8.19 -21.43 9.54
N ASN B 257 8.61 -22.66 9.23
CA ASN B 257 9.07 -22.97 7.88
C ASN B 257 7.98 -22.94 6.83
N THR B 258 6.79 -23.40 7.19
CA THR B 258 5.66 -23.38 6.28
C THR B 258 5.29 -21.96 5.87
N ILE B 259 5.36 -21.05 6.85
CA ILE B 259 5.02 -19.65 6.64
C ILE B 259 6.15 -18.99 5.83
N TRP B 260 7.38 -19.18 6.28
CA TRP B 260 8.49 -18.54 5.61
C TRP B 260 8.73 -18.98 4.14
N GLU B 261 8.76 -20.26 3.82
CA GLU B 261 9.00 -20.62 2.42
C GLU B 261 7.77 -20.46 1.55
N GLY B 262 6.60 -20.59 2.15
CA GLY B 262 5.35 -20.38 1.41
C GLY B 262 5.27 -18.93 0.97
N CYS B 263 5.55 -18.04 1.91
CA CYS B 263 5.53 -16.61 1.63
C CYS B 263 6.72 -16.10 0.79
N CYS B 264 7.92 -16.62 1.03
CA CYS B 264 9.10 -16.30 0.22
C CYS B 264 8.90 -16.72 -1.27
N ARG B 265 8.23 -17.85 -1.53
CA ARG B 265 7.87 -18.20 -2.94
C ARG B 265 6.75 -17.31 -3.53
N LEU B 266 5.77 -16.93 -2.70
CA LEU B 266 4.74 -15.98 -3.14
C LEU B 266 5.42 -14.66 -3.44
N GLU B 267 6.18 -14.16 -2.48
CA GLU B 267 6.70 -12.80 -2.58
C GLU B 267 8.22 -12.81 -2.38
N PRO B 268 8.96 -13.20 -3.42
CA PRO B 268 10.40 -13.44 -3.23
C PRO B 268 11.21 -12.24 -2.78
N THR B 269 10.66 -11.05 -2.85
CA THR B 269 11.37 -9.87 -2.33
C THR B 269 11.54 -9.97 -0.82
N LEU B 270 10.87 -10.94 -0.20
CA LEU B 270 10.89 -11.09 1.25
C LEU B 270 12.32 -11.44 1.74
N LYS B 271 13.20 -11.74 0.80
CA LYS B 271 14.56 -12.11 1.15
C LYS B 271 15.31 -11.04 1.92
N ASP B 272 14.93 -9.78 1.76
CA ASP B 272 15.65 -8.69 2.45
C ASP B 272 14.85 -8.14 3.63
N ALA B 273 13.80 -8.83 4.05
CA ALA B 273 12.90 -8.33 5.07
C ALA B 273 13.35 -8.77 6.44
N LYS B 274 13.43 -7.83 7.38
CA LYS B 274 13.88 -8.18 8.72
C LYS B 274 12.74 -8.75 9.58
N ILE B 275 12.96 -9.91 10.17
CA ILE B 275 11.99 -10.47 11.10
C ILE B 275 11.91 -9.54 12.32
N VAL B 276 10.68 -9.25 12.75
CA VAL B 276 10.41 -8.31 13.83
C VAL B 276 9.84 -9.02 15.03
N GLY B 277 9.16 -10.11 14.77
CA GLY B 277 8.60 -10.90 15.85
C GLY B 277 7.85 -12.06 15.25
N GLU B 278 7.57 -13.03 16.08
CA GLU B 278 6.87 -14.22 15.65
C GLU B 278 5.90 -14.63 16.76
N TYR B 279 4.62 -14.78 16.45
CA TYR B 279 3.58 -15.00 17.47
C TYR B 279 2.65 -16.17 17.18
N THR B 280 1.91 -16.58 18.22
CA THR B 280 0.91 -17.64 18.14
C THR B 280 -0.34 -17.22 18.92
N GLY B 281 -1.50 -17.39 18.31
CA GLY B 281 -2.75 -17.00 18.94
C GLY B 281 -3.80 -18.03 18.61
N PHE B 282 -4.92 -18.02 19.35
CA PHE B 282 -5.97 -19.03 19.22
C PHE B 282 -7.26 -18.38 18.83
N GLY B 283 -7.67 -18.57 17.58
CA GLY B 283 -9.00 -18.16 17.15
C GLY B 283 -10.07 -19.01 17.83
N PRO B 284 -11.15 -18.38 18.27
CA PRO B 284 -12.25 -19.05 18.90
C PRO B 284 -13.19 -19.70 17.87
N VAL B 285 -12.78 -20.85 17.37
CA VAL B 285 -13.49 -21.56 16.33
C VAL B 285 -14.75 -22.24 16.91
N ARG B 286 -15.89 -22.00 16.25
CA ARG B 286 -17.20 -22.53 16.65
C ARG B 286 -18.06 -22.57 15.38
N PRO B 287 -18.87 -23.60 15.19
CA PRO B 287 -19.64 -23.66 13.94
C PRO B 287 -20.46 -22.39 13.73
N GLN B 288 -20.85 -21.75 14.82
CA GLN B 288 -21.44 -20.42 14.74
C GLN B 288 -21.16 -19.58 15.96
N VAL B 289 -21.11 -18.28 15.75
CA VAL B 289 -20.93 -17.34 16.84
C VAL B 289 -22.00 -17.60 17.88
N ARG B 290 -21.61 -17.70 19.14
CA ARG B 290 -22.58 -17.73 20.21
C ARG B 290 -22.85 -16.31 20.67
N LEU B 291 -24.04 -15.82 20.39
CA LEU B 291 -24.43 -14.49 20.76
C LEU B 291 -25.88 -14.59 21.19
N GLU B 292 -26.11 -14.73 22.49
CA GLU B 292 -27.46 -14.98 23.00
C GLU B 292 -27.59 -14.70 24.50
N ARG B 293 -28.81 -14.42 24.94
CA ARG B 293 -29.18 -14.31 26.37
C ARG B 293 -29.26 -15.65 27.11
N GLU B 294 -28.91 -15.61 28.38
CA GLU B 294 -29.07 -16.77 29.25
C GLU B 294 -29.35 -16.20 30.63
N GLN B 295 -30.33 -16.78 31.32
CA GLN B 295 -30.69 -16.31 32.65
C GLN B 295 -30.00 -17.21 33.66
N LEU B 296 -29.25 -16.63 34.60
CA LEU B 296 -28.58 -17.41 35.66
C LEU B 296 -29.21 -17.12 37.02
N ARG B 297 -29.34 -18.18 37.82
CA ARG B 297 -30.03 -18.07 39.09
C ARG B 297 -29.08 -18.28 40.24
N PHE B 298 -28.75 -17.18 40.93
CA PHE B 298 -27.90 -17.22 42.11
C PHE B 298 -28.52 -16.32 43.16
N GLY B 299 -28.11 -16.49 44.41
CA GLY B 299 -28.63 -15.67 45.49
C GLY B 299 -30.12 -15.37 45.39
N SER B 300 -30.44 -14.08 45.37
CA SER B 300 -31.81 -13.64 45.53
C SER B 300 -32.38 -13.03 44.28
N SER B 301 -31.67 -13.17 43.16
CA SER B 301 -32.07 -12.46 41.96
C SER B 301 -31.59 -13.20 40.73
N ASN B 302 -32.19 -12.91 39.60
CA ASN B 302 -31.63 -13.34 38.34
C ASN B 302 -30.53 -12.38 37.91
N THR B 303 -29.45 -12.94 37.39
CA THR B 303 -28.45 -12.16 36.71
C THR B 303 -28.57 -12.60 35.26
N GLU B 304 -28.61 -11.62 34.36
CA GLU B 304 -28.70 -11.89 32.93
C GLU B 304 -27.29 -11.97 32.32
N VAL B 305 -27.00 -13.02 31.58
CA VAL B 305 -25.73 -13.12 30.87
C VAL B 305 -26.01 -13.06 29.39
N ILE B 306 -25.24 -12.24 28.68
CA ILE B 306 -25.30 -12.19 27.22
C ILE B 306 -23.94 -12.63 26.66
N HIS B 307 -23.94 -13.76 25.98
CA HIS B 307 -22.73 -14.30 25.41
C HIS B 307 -22.41 -13.60 24.11
N ASN B 308 -21.13 -13.39 23.86
CA ASN B 308 -20.64 -12.91 22.55
C ASN B 308 -19.21 -13.48 22.33
N TYR B 309 -19.16 -14.71 21.85
CA TYR B 309 -17.91 -15.40 21.57
C TYR B 309 -18.06 -16.46 20.46
N GLY B 310 -16.93 -16.92 19.95
CA GLY B 310 -16.84 -17.92 18.89
C GLY B 310 -16.73 -17.30 17.51
N HIS B 311 -15.88 -16.27 17.37
CA HIS B 311 -15.78 -15.54 16.10
C HIS B 311 -14.65 -16.06 15.20
N GLY B 312 -14.15 -17.25 15.53
CA GLY B 312 -13.13 -17.92 14.72
C GLY B 312 -11.99 -17.00 14.28
N GLY B 313 -11.67 -17.07 12.99
CA GLY B 313 -10.64 -16.23 12.39
C GLY B 313 -11.19 -14.96 11.71
N TYR B 314 -12.31 -14.44 12.21
CA TYR B 314 -12.98 -13.28 11.61
C TYR B 314 -13.60 -12.28 12.61
N GLY B 315 -13.16 -12.34 13.86
CA GLY B 315 -13.60 -11.42 14.89
C GLY B 315 -13.45 -9.93 14.61
N LEU B 316 -12.34 -9.52 14.00
CA LEU B 316 -12.20 -8.11 13.63
C LEU B 316 -13.17 -7.77 12.52
N THR B 317 -13.32 -8.70 11.59
CA THR B 317 -14.20 -8.55 10.45
C THR B 317 -15.67 -8.36 10.85
N ILE B 318 -16.11 -9.03 11.91
CA ILE B 318 -17.53 -9.14 12.24
C ILE B 318 -17.93 -8.42 13.52
N HIS B 319 -16.96 -7.81 14.21
CA HIS B 319 -17.17 -7.34 15.58
C HIS B 319 -18.29 -6.30 15.80
N TRP B 320 -18.41 -5.32 14.90
CA TRP B 320 -19.33 -4.21 15.18
C TRP B 320 -20.80 -4.60 15.12
N GLY B 321 -21.17 -5.37 14.10
CA GLY B 321 -22.48 -5.99 14.02
C GLY B 321 -22.80 -6.86 15.23
N CYS B 322 -21.79 -7.54 15.79
CA CYS B 322 -22.01 -8.35 16.99
C CYS B 322 -22.25 -7.45 18.21
N ALA B 323 -21.50 -6.38 18.33
CA ALA B 323 -21.68 -5.44 19.44
C ALA B 323 -23.06 -4.79 19.41
N LEU B 324 -23.50 -4.39 18.23
CA LEU B 324 -24.84 -3.82 18.05
C LEU B 324 -25.92 -4.83 18.51
N GLU B 325 -25.79 -6.09 18.10
CA GLU B 325 -26.78 -7.06 18.45
C GLU B 325 -26.80 -7.25 19.98
N VAL B 326 -25.65 -7.15 20.64
CA VAL B 326 -25.61 -7.32 22.08
C VAL B 326 -26.25 -6.12 22.75
N ALA B 327 -26.02 -4.93 22.22
CA ALA B 327 -26.69 -3.75 22.76
C ALA B 327 -28.21 -3.81 22.60
N LYS B 328 -28.70 -4.42 21.53
CA LYS B 328 -30.14 -4.67 21.34
C LYS B 328 -30.67 -5.55 22.46
N LEU B 329 -30.04 -6.70 22.64
CA LEU B 329 -30.48 -7.67 23.64
C LEU B 329 -30.45 -7.02 25.03
N PHE B 330 -29.45 -6.19 25.30
CA PHE B 330 -29.42 -5.42 26.54
C PHE B 330 -30.66 -4.56 26.69
N GLY B 331 -31.04 -3.88 25.61
CA GLY B 331 -32.23 -3.02 25.62
C GLY B 331 -33.46 -3.80 26.04
N LYS B 332 -33.60 -5.04 25.55
CA LYS B 332 -34.72 -5.89 25.93
C LYS B 332 -34.64 -6.18 27.41
N VAL B 333 -33.46 -6.55 27.88
CA VAL B 333 -33.25 -6.73 29.31
C VAL B 333 -33.75 -5.51 30.12
N LEU B 334 -33.52 -4.31 29.61
CA LEU B 334 -33.89 -3.10 30.34
C LEU B 334 -35.39 -2.95 30.44
N GLU B 335 -36.11 -3.16 29.34
CA GLU B 335 -37.55 -2.95 29.40
C GLU B 335 -38.21 -4.00 30.28
N GLU B 336 -37.74 -5.23 30.22
CA GLU B 336 -38.23 -6.26 31.13
C GLU B 336 -38.09 -5.88 32.61
N ARG B 337 -37.12 -5.02 32.90
CA ARG B 337 -36.90 -4.56 34.26
C ARG B 337 -37.55 -3.20 34.49
N ASN B 338 -38.43 -2.81 33.56
CA ASN B 338 -39.12 -1.50 33.57
C ASN B 338 -38.22 -0.31 33.88
N LEU B 339 -37.11 -0.25 33.16
CA LEU B 339 -36.06 0.70 33.45
C LEU B 339 -36.00 1.91 32.53
N LEU B 340 -36.58 1.79 31.35
CA LEU B 340 -36.60 2.92 30.43
C LEU B 340 -38.00 3.42 30.27
#